data_9OKT
# 
_entry.id   9OKT 
# 
_audit_conform.dict_name       mmcif_pdbx.dic 
_audit_conform.dict_version    5.407 
_audit_conform.dict_location   http://mmcif.pdb.org/dictionaries/ascii/mmcif_pdbx.dic 
# 
loop_
_database_2.database_id 
_database_2.database_code 
_database_2.pdbx_database_accession 
_database_2.pdbx_DOI 
PDB   9OKT         pdb_00009okt 10.2210/pdb9okt/pdb 
WWPDB D_1000294996 ?            ?                   
# 
loop_
_pdbx_audit_revision_history.ordinal 
_pdbx_audit_revision_history.data_content_type 
_pdbx_audit_revision_history.major_revision 
_pdbx_audit_revision_history.minor_revision 
_pdbx_audit_revision_history.revision_date 
_pdbx_audit_revision_history.part_number 
1 'Structure model' 1 0 2025-10-22 ? 
2 'Structure model' 1 1 2025-11-26 ? 
# 
_pdbx_audit_revision_details.ordinal             1 
_pdbx_audit_revision_details.revision_ordinal    1 
_pdbx_audit_revision_details.data_content_type   'Structure model' 
_pdbx_audit_revision_details.provider            repository 
_pdbx_audit_revision_details.type                'Initial release' 
_pdbx_audit_revision_details.description         ? 
_pdbx_audit_revision_details.details             ? 
# 
_pdbx_audit_revision_group.ordinal             1 
_pdbx_audit_revision_group.revision_ordinal    2 
_pdbx_audit_revision_group.data_content_type   'Structure model' 
_pdbx_audit_revision_group.group               'Database references' 
# 
loop_
_pdbx_audit_revision_category.ordinal 
_pdbx_audit_revision_category.revision_ordinal 
_pdbx_audit_revision_category.data_content_type 
_pdbx_audit_revision_category.category 
1 2 'Structure model' citation        
2 2 'Structure model' citation_author 
# 
_pdbx_database_status.status_code                     REL 
_pdbx_database_status.status_code_sf                  REL 
_pdbx_database_status.status_code_mr                  ? 
_pdbx_database_status.entry_id                        9OKT 
_pdbx_database_status.recvd_initial_deposition_date   2025-05-11 
_pdbx_database_status.SG_entry                        N 
_pdbx_database_status.deposit_site                    RCSB 
_pdbx_database_status.process_site                    RCSB 
_pdbx_database_status.status_code_cs                  ? 
_pdbx_database_status.status_code_nmr_data            ? 
_pdbx_database_status.methods_development_category    ? 
_pdbx_database_status.pdb_format_compatible           Y 
# 
_pdbx_contact_author.id                 2 
_pdbx_contact_author.email              jwszostak@uchicago.edu 
_pdbx_contact_author.name_first         Jack 
_pdbx_contact_author.name_last          Szostak 
_pdbx_contact_author.name_mi            W 
_pdbx_contact_author.role               'principal investigator/group leader' 
_pdbx_contact_author.identifier_ORCID   0000-0003-4131-1203 
# 
loop_
_audit_author.name 
_audit_author.pdbx_ordinal 
_audit_author.identifier_ORCID 
'Fang, Z.'      1 0000-0001-8679-6633 
'Szostak, J.W.' 2 0000-0003-4131-1203 
# 
loop_
_citation.abstract 
_citation.abstract_id_CAS 
_citation.book_id_ISBN 
_citation.book_publisher 
_citation.book_publisher_city 
_citation.book_title 
_citation.coordinate_linkage 
_citation.country 
_citation.database_id_Medline 
_citation.details 
_citation.id 
_citation.journal_abbrev 
_citation.journal_id_ASTM 
_citation.journal_id_CSD 
_citation.journal_id_ISSN 
_citation.journal_full 
_citation.journal_issue 
_citation.journal_volume 
_citation.language 
_citation.page_first 
_citation.page_last 
_citation.title 
_citation.year 
_citation.database_id_CSD 
_citation.pdbx_database_id_DOI 
_citation.pdbx_database_id_PubMed 
_citation.pdbx_database_id_patent 
_citation.unpublished_flag 
? ? ? ? ? ? ? UK ? ? primary 'Nucleic Acids Res.' NARHAD 0389 1362-4962 ? ? 53 ? ? ? 
;Impact of 2'-deoxyribo-purine substrates on nonenzymatic RNA template-directed primer extension.
;
2025 ? 10.1093/nar/gkaf1228      41261857 ? ? 
? ? ? ? ? ? ? US ? ? 1       Biorxiv              ?      ?    2692-8205 ? ? ?  ? ? ? 
;Impact of 2'-deoxyribo-purine substrates on nonenzymatic RNA template-directed primer extension.
;
2025 ? 10.1101/2025.08.29.673048 40909494 ? ? 
# 
loop_
_citation_author.citation_id 
_citation_author.name 
_citation_author.ordinal 
_citation_author.identifier_ORCID 
primary 'Fang, Z.'      1  0000-0001-8679-6633 
primary 'Acikgoz, O.'   2  ?                   
primary 'Jia, X.'       3  0000-0001-9094-9882 
primary 'Essex, J.'     4  ?                   
primary 'Wen, R.'       5  ?                   
primary 'Szostak, J.W.' 6  0000-0003-4131-1203 
1       'Fang, Z.'      7  0000-0001-8679-6633 
1       'Acikgoz, O.'   8  0009-0001-3296-1637 
1       'Jia, X.'       9  0000-0001-9094-9882 
1       'Essex, J.'     10 0009-0003-6281-4798 
1       'Wen, R.'       11 ?                   
1       'Szostak, J.W.' 12 0000-0003-4131-1203 
# 
loop_
_entity.id 
_entity.type 
_entity.src_method 
_entity.pdbx_description 
_entity.formula_weight 
_entity.pdbx_number_of_molecules 
_entity.pdbx_ec 
_entity.pdbx_mutation 
_entity.pdbx_fragment 
_entity.details 
1 polymer     syn 
;DNA/RNA (5'-R(*AP*GP*AP*GP*AP*AP*G)-D(P*A)-R(P*UP*CP*UP*UP*CP*UP*CP*U)-3')
;
5067.064 1   ? ? ? ? 
2 non-polymer syn 'MAGNESIUM ION'                                                              24.305   3   ? ? ? ? 
3 water       nat water                                                                        18.015   109 ? ? ? ? 
# 
_entity_poly.entity_id                      1 
_entity_poly.type                           'polydeoxyribonucleotide/polyribonucleotide hybrid' 
_entity_poly.nstd_linkage                   no 
_entity_poly.nstd_monomer                   no 
_entity_poly.pdbx_seq_one_letter_code       'AGAGAAG(DA)UCUUCUCU' 
_entity_poly.pdbx_seq_one_letter_code_can   AGAGAAGAUCUUCUCU 
_entity_poly.pdbx_strand_id                 A 
_entity_poly.pdbx_target_identifier         ? 
# 
loop_
_pdbx_entity_nonpoly.entity_id 
_pdbx_entity_nonpoly.name 
_pdbx_entity_nonpoly.comp_id 
2 'MAGNESIUM ION' MG  
3 water           HOH 
# 
loop_
_entity_poly_seq.entity_id 
_entity_poly_seq.num 
_entity_poly_seq.mon_id 
_entity_poly_seq.hetero 
1 1  A  n 
1 2  G  n 
1 3  A  n 
1 4  G  n 
1 5  A  n 
1 6  A  n 
1 7  G  n 
1 8  DA n 
1 9  U  n 
1 10 C  n 
1 11 U  n 
1 12 U  n 
1 13 C  n 
1 14 U  n 
1 15 C  n 
1 16 U  n 
# 
_pdbx_entity_src_syn.entity_id              1 
_pdbx_entity_src_syn.pdbx_src_id            1 
_pdbx_entity_src_syn.pdbx_alt_source_flag   sample 
_pdbx_entity_src_syn.pdbx_beg_seq_num       1 
_pdbx_entity_src_syn.pdbx_end_seq_num       16 
_pdbx_entity_src_syn.organism_scientific    'synthetic construct' 
_pdbx_entity_src_syn.organism_common_name   ? 
_pdbx_entity_src_syn.ncbi_taxonomy_id       32630 
_pdbx_entity_src_syn.details                ? 
# 
loop_
_chem_comp.id 
_chem_comp.type 
_chem_comp.mon_nstd_flag 
_chem_comp.name 
_chem_comp.pdbx_synonyms 
_chem_comp.formula 
_chem_comp.formula_weight 
A   'RNA linking' y "ADENOSINE-5'-MONOPHOSPHATE"         ? 'C10 H14 N5 O7 P' 347.221 
C   'RNA linking' y "CYTIDINE-5'-MONOPHOSPHATE"          ? 'C9 H14 N3 O8 P'  323.197 
DA  'DNA linking' y "2'-DEOXYADENOSINE-5'-MONOPHOSPHATE" ? 'C10 H14 N5 O6 P' 331.222 
G   'RNA linking' y "GUANOSINE-5'-MONOPHOSPHATE"         ? 'C10 H14 N5 O8 P' 363.221 
HOH non-polymer   . WATER                                ? 'H2 O'            18.015  
MG  non-polymer   . 'MAGNESIUM ION'                      ? 'Mg 2'            24.305  
U   'RNA linking' y "URIDINE-5'-MONOPHOSPHATE"           ? 'C9 H13 N2 O9 P'  324.181 
# 
loop_
_pdbx_poly_seq_scheme.asym_id 
_pdbx_poly_seq_scheme.entity_id 
_pdbx_poly_seq_scheme.seq_id 
_pdbx_poly_seq_scheme.mon_id 
_pdbx_poly_seq_scheme.ndb_seq_num 
_pdbx_poly_seq_scheme.pdb_seq_num 
_pdbx_poly_seq_scheme.auth_seq_num 
_pdbx_poly_seq_scheme.pdb_mon_id 
_pdbx_poly_seq_scheme.auth_mon_id 
_pdbx_poly_seq_scheme.pdb_strand_id 
_pdbx_poly_seq_scheme.pdb_ins_code 
_pdbx_poly_seq_scheme.hetero 
A 1 1  A  1  1  1  A  A  A . n 
A 1 2  G  2  2  2  G  G  A . n 
A 1 3  A  3  3  3  A  A  A . n 
A 1 4  G  4  4  4  G  G  A . n 
A 1 5  A  5  5  5  A  A  A . n 
A 1 6  A  6  6  6  A  A  A . n 
A 1 7  G  7  7  7  G  G  A . n 
A 1 8  DA 8  8  8  DA DA A . n 
A 1 9  U  9  9  9  U  U  A . n 
A 1 10 C  10 10 10 C  C  A . n 
A 1 11 U  11 11 11 U  U  A . n 
A 1 12 U  12 12 12 U  U  A . n 
A 1 13 C  13 13 13 C  C  A . n 
A 1 14 U  14 14 14 U  U  A . n 
A 1 15 C  15 15 15 C  C  A . n 
A 1 16 U  16 16 16 U  U  A . n 
# 
loop_
_pdbx_nonpoly_scheme.asym_id 
_pdbx_nonpoly_scheme.entity_id 
_pdbx_nonpoly_scheme.mon_id 
_pdbx_nonpoly_scheme.ndb_seq_num 
_pdbx_nonpoly_scheme.pdb_seq_num 
_pdbx_nonpoly_scheme.auth_seq_num 
_pdbx_nonpoly_scheme.pdb_mon_id 
_pdbx_nonpoly_scheme.auth_mon_id 
_pdbx_nonpoly_scheme.pdb_strand_id 
_pdbx_nonpoly_scheme.pdb_ins_code 
B 2 MG  1   101 1   MG  MG  A . 
C 2 MG  1   102 2   MG  MG  A . 
D 2 MG  1   103 3   MG  MG  A . 
E 3 HOH 1   201 118 HOH HOH A . 
E 3 HOH 2   202 15  HOH HOH A . 
E 3 HOH 3   203 13  HOH HOH A . 
E 3 HOH 4   204 99  HOH HOH A . 
E 3 HOH 5   205 60  HOH HOH A . 
E 3 HOH 6   206 66  HOH HOH A . 
E 3 HOH 7   207 4   HOH HOH A . 
E 3 HOH 8   208 120 HOH HOH A . 
E 3 HOH 9   209 83  HOH HOH A . 
E 3 HOH 10  210 112 HOH HOH A . 
E 3 HOH 11  211 68  HOH HOH A . 
E 3 HOH 12  212 84  HOH HOH A . 
E 3 HOH 13  213 97  HOH HOH A . 
E 3 HOH 14  214 116 HOH HOH A . 
E 3 HOH 15  215 1   HOH HOH A . 
E 3 HOH 16  216 121 HOH HOH A . 
E 3 HOH 17  217 45  HOH HOH A . 
E 3 HOH 18  218 36  HOH HOH A . 
E 3 HOH 19  219 63  HOH HOH A . 
E 3 HOH 20  220 29  HOH HOH A . 
E 3 HOH 21  221 19  HOH HOH A . 
E 3 HOH 22  222 30  HOH HOH A . 
E 3 HOH 23  223 11  HOH HOH A . 
E 3 HOH 24  224 74  HOH HOH A . 
E 3 HOH 25  225 59  HOH HOH A . 
E 3 HOH 26  226 31  HOH HOH A . 
E 3 HOH 27  227 55  HOH HOH A . 
E 3 HOH 28  228 40  HOH HOH A . 
E 3 HOH 29  229 53  HOH HOH A . 
E 3 HOH 30  230 35  HOH HOH A . 
E 3 HOH 31  231 32  HOH HOH A . 
E 3 HOH 32  232 93  HOH HOH A . 
E 3 HOH 33  233 25  HOH HOH A . 
E 3 HOH 34  234 6   HOH HOH A . 
E 3 HOH 35  235 20  HOH HOH A . 
E 3 HOH 36  236 92  HOH HOH A . 
E 3 HOH 37  237 62  HOH HOH A . 
E 3 HOH 38  238 12  HOH HOH A . 
E 3 HOH 39  239 18  HOH HOH A . 
E 3 HOH 40  240 115 HOH HOH A . 
E 3 HOH 41  241 49  HOH HOH A . 
E 3 HOH 42  242 67  HOH HOH A . 
E 3 HOH 43  243 44  HOH HOH A . 
E 3 HOH 44  244 33  HOH HOH A . 
E 3 HOH 45  245 50  HOH HOH A . 
E 3 HOH 46  246 127 HOH HOH A . 
E 3 HOH 47  247 46  HOH HOH A . 
E 3 HOH 48  248 43  HOH HOH A . 
E 3 HOH 49  249 9   HOH HOH A . 
E 3 HOH 50  250 108 HOH HOH A . 
E 3 HOH 51  251 37  HOH HOH A . 
E 3 HOH 52  252 27  HOH HOH A . 
E 3 HOH 53  253 88  HOH HOH A . 
E 3 HOH 54  254 61  HOH HOH A . 
E 3 HOH 55  255 41  HOH HOH A . 
E 3 HOH 56  256 24  HOH HOH A . 
E 3 HOH 57  257 56  HOH HOH A . 
E 3 HOH 58  258 114 HOH HOH A . 
E 3 HOH 59  259 8   HOH HOH A . 
E 3 HOH 60  260 110 HOH HOH A . 
E 3 HOH 61  261 132 HOH HOH A . 
E 3 HOH 62  262 5   HOH HOH A . 
E 3 HOH 63  263 28  HOH HOH A . 
E 3 HOH 64  264 47  HOH HOH A . 
E 3 HOH 65  265 17  HOH HOH A . 
E 3 HOH 66  266 39  HOH HOH A . 
E 3 HOH 67  267 102 HOH HOH A . 
E 3 HOH 68  268 87  HOH HOH A . 
E 3 HOH 69  269 75  HOH HOH A . 
E 3 HOH 70  270 34  HOH HOH A . 
E 3 HOH 71  271 85  HOH HOH A . 
E 3 HOH 72  272 10  HOH HOH A . 
E 3 HOH 73  273 105 HOH HOH A . 
E 3 HOH 74  274 38  HOH HOH A . 
E 3 HOH 75  275 23  HOH HOH A . 
E 3 HOH 76  276 48  HOH HOH A . 
E 3 HOH 77  277 73  HOH HOH A . 
E 3 HOH 78  278 7   HOH HOH A . 
E 3 HOH 79  279 2   HOH HOH A . 
E 3 HOH 80  280 64  HOH HOH A . 
E 3 HOH 81  281 72  HOH HOH A . 
E 3 HOH 82  282 71  HOH HOH A . 
E 3 HOH 83  283 129 HOH HOH A . 
E 3 HOH 84  284 76  HOH HOH A . 
E 3 HOH 85  285 82  HOH HOH A . 
E 3 HOH 86  286 91  HOH HOH A . 
E 3 HOH 87  287 69  HOH HOH A . 
E 3 HOH 88  288 3   HOH HOH A . 
E 3 HOH 89  289 124 HOH HOH A . 
E 3 HOH 90  290 100 HOH HOH A . 
E 3 HOH 91  291 77  HOH HOH A . 
E 3 HOH 92  292 89  HOH HOH A . 
E 3 HOH 93  293 126 HOH HOH A . 
E 3 HOH 94  294 98  HOH HOH A . 
E 3 HOH 95  295 101 HOH HOH A . 
E 3 HOH 96  296 123 HOH HOH A . 
E 3 HOH 97  297 113 HOH HOH A . 
E 3 HOH 98  298 90  HOH HOH A . 
E 3 HOH 99  299 104 HOH HOH A . 
E 3 HOH 100 300 130 HOH HOH A . 
E 3 HOH 101 301 122 HOH HOH A . 
E 3 HOH 102 302 86  HOH HOH A . 
E 3 HOH 103 303 103 HOH HOH A . 
E 3 HOH 104 304 16  HOH HOH A . 
E 3 HOH 105 305 131 HOH HOH A . 
E 3 HOH 106 306 94  HOH HOH A . 
E 3 HOH 107 307 109 HOH HOH A . 
E 3 HOH 108 308 117 HOH HOH A . 
E 3 HOH 109 309 21  HOH HOH A . 
# 
loop_
_software.citation_id 
_software.classification 
_software.compiler_name 
_software.compiler_version 
_software.contact_author 
_software.contact_author_email 
_software.date 
_software.description 
_software.dependencies 
_software.hardware 
_software.language 
_software.location 
_software.mods 
_software.name 
_software.os 
_software.os_version 
_software.type 
_software.version 
_software.pdbx_reference_DOI 
_software.pdbx_ordinal 
? refinement       ? ? ? ? ? ? ? ? ? ? ? REFMAC   ? ? ? 5.8.0425 ? 1 
? 'data reduction' ? ? ? ? ? ? ? ? ? ? ? HKL-2000 ? ? ? .        ? 2 
? 'data scaling'   ? ? ? ? ? ? ? ? ? ? ? HKL-2000 ? ? ? .        ? 3 
? phasing          ? ? ? ? ? ? ? ? ? ? ? PHASER   ? ? ? .        ? 4 
# 
_cell.angle_alpha                  90.000 
_cell.angle_alpha_esd              ? 
_cell.angle_beta                   90.000 
_cell.angle_beta_esd               ? 
_cell.angle_gamma                  120.000 
_cell.angle_gamma_esd              ? 
_cell.entry_id                     9OKT 
_cell.details                      ? 
_cell.formula_units_Z              ? 
_cell.length_a                     41.006 
_cell.length_a_esd                 ? 
_cell.length_b                     41.006 
_cell.length_b_esd                 ? 
_cell.length_c                     123.438 
_cell.length_c_esd                 ? 
_cell.volume                       ? 
_cell.volume_esd                   ? 
_cell.Z_PDB                        18 
_cell.reciprocal_angle_alpha       ? 
_cell.reciprocal_angle_beta        ? 
_cell.reciprocal_angle_gamma       ? 
_cell.reciprocal_angle_alpha_esd   ? 
_cell.reciprocal_angle_beta_esd    ? 
_cell.reciprocal_angle_gamma_esd   ? 
_cell.reciprocal_length_a          ? 
_cell.reciprocal_length_b          ? 
_cell.reciprocal_length_c          ? 
_cell.reciprocal_length_a_esd      ? 
_cell.reciprocal_length_b_esd      ? 
_cell.reciprocal_length_c_esd      ? 
_cell.pdbx_unique_axis             ? 
_cell.pdbx_esd_method              ? 
# 
_symmetry.entry_id                         9OKT 
_symmetry.cell_setting                     ? 
_symmetry.Int_Tables_number                155 
_symmetry.space_group_name_Hall            ? 
_symmetry.space_group_name_H-M             'H 3 2' 
_symmetry.pdbx_full_space_group_name_H-M   ? 
# 
_exptl.absorpt_coefficient_mu     ? 
_exptl.absorpt_correction_T_max   ? 
_exptl.absorpt_correction_T_min   ? 
_exptl.absorpt_correction_type    ? 
_exptl.absorpt_process_details    ? 
_exptl.entry_id                   9OKT 
_exptl.crystals_number            1 
_exptl.details                    ? 
_exptl.method                     'X-RAY DIFFRACTION' 
_exptl.method_details             ? 
# 
_exptl_crystal.colour                       ? 
_exptl_crystal.density_diffrn               ? 
_exptl_crystal.density_Matthews             1.96 
_exptl_crystal.density_method               ? 
_exptl_crystal.density_percent_sol          37.39 
_exptl_crystal.description                  ? 
_exptl_crystal.F_000                        ? 
_exptl_crystal.id                           1 
_exptl_crystal.preparation                  ? 
_exptl_crystal.size_max                     ? 
_exptl_crystal.size_mid                     ? 
_exptl_crystal.size_min                     ? 
_exptl_crystal.size_rad                     ? 
_exptl_crystal.colour_lustre                ? 
_exptl_crystal.colour_modifier              ? 
_exptl_crystal.colour_primary               ? 
_exptl_crystal.density_meas                 ? 
_exptl_crystal.density_meas_esd             ? 
_exptl_crystal.density_meas_gt              ? 
_exptl_crystal.density_meas_lt              ? 
_exptl_crystal.density_meas_temp            ? 
_exptl_crystal.density_meas_temp_esd        ? 
_exptl_crystal.density_meas_temp_gt         ? 
_exptl_crystal.density_meas_temp_lt         ? 
_exptl_crystal.pdbx_crystal_image_url       ? 
_exptl_crystal.pdbx_crystal_image_format    ? 
_exptl_crystal.pdbx_mosaicity               ? 
_exptl_crystal.pdbx_mosaicity_esd           ? 
_exptl_crystal.pdbx_mosaic_method           ? 
_exptl_crystal.pdbx_mosaic_block_size       ? 
_exptl_crystal.pdbx_mosaic_block_size_esd   ? 
# 
_exptl_crystal_grow.apparatus       ? 
_exptl_crystal_grow.atmosphere      ? 
_exptl_crystal_grow.crystal_id      1 
_exptl_crystal_grow.details         ? 
_exptl_crystal_grow.method          'VAPOR DIFFUSION, SITTING DROP' 
_exptl_crystal_grow.method_ref      ? 
_exptl_crystal_grow.pH              5.5 
_exptl_crystal_grow.pressure        ? 
_exptl_crystal_grow.pressure_esd    ? 
_exptl_crystal_grow.seeding         ? 
_exptl_crystal_grow.seeding_ref     ? 
_exptl_crystal_grow.temp_details    ? 
_exptl_crystal_grow.temp_esd        ? 
_exptl_crystal_grow.time            ? 
_exptl_crystal_grow.pdbx_details    
;0.08 M Sodium chloride, 0.02 M Magnesium chloride hexahydrate, 0.04 M Sodium cacodylate trihydrate pH 5.5, 35% v/v (+/-)-2-Methyl-2,4-pentanediol, 0.002 M Hexammine cobalt(III) chloride
;
_exptl_crystal_grow.pdbx_pH_range   ? 
_exptl_crystal_grow.temp            293 
# 
_diffrn.ambient_environment              ? 
_diffrn.ambient_temp                     99 
_diffrn.ambient_temp_details             ? 
_diffrn.ambient_temp_esd                 ? 
_diffrn.crystal_id                       1 
_diffrn.crystal_support                  ? 
_diffrn.crystal_treatment                ? 
_diffrn.details                          ? 
_diffrn.id                               1 
_diffrn.ambient_pressure                 ? 
_diffrn.ambient_pressure_esd             ? 
_diffrn.ambient_pressure_gt              ? 
_diffrn.ambient_pressure_lt              ? 
_diffrn.ambient_temp_gt                  ? 
_diffrn.ambient_temp_lt                  ? 
_diffrn.pdbx_serial_crystal_experiment   N 
# 
_diffrn_detector.details                      ? 
_diffrn_detector.detector                     PIXEL 
_diffrn_detector.diffrn_id                    1 
_diffrn_detector.type                         'DECTRIS PILATUS3 2M' 
_diffrn_detector.area_resol_mean              ? 
_diffrn_detector.dtime                        ? 
_diffrn_detector.pdbx_frames_total            ? 
_diffrn_detector.pdbx_collection_time_total   ? 
_diffrn_detector.pdbx_collection_date         2024-12-22 
_diffrn_detector.pdbx_frequency               ? 
_diffrn_detector.id                           ? 
_diffrn_detector.number_of_axes               ? 
# 
_diffrn_radiation.collimation                      ? 
_diffrn_radiation.diffrn_id                        1 
_diffrn_radiation.filter_edge                      ? 
_diffrn_radiation.inhomogeneity                    ? 
_diffrn_radiation.monochromator                    ? 
_diffrn_radiation.polarisn_norm                    ? 
_diffrn_radiation.polarisn_ratio                   ? 
_diffrn_radiation.probe                            ? 
_diffrn_radiation.type                             ? 
_diffrn_radiation.xray_symbol                      ? 
_diffrn_radiation.wavelength_id                    1 
_diffrn_radiation.pdbx_monochromatic_or_laue_m_l   M 
_diffrn_radiation.pdbx_wavelength_list             ? 
_diffrn_radiation.pdbx_wavelength                  ? 
_diffrn_radiation.pdbx_diffrn_protocol             'SINGLE WAVELENGTH' 
_diffrn_radiation.pdbx_analyzer                    ? 
_diffrn_radiation.pdbx_scattering_type             x-ray 
# 
_diffrn_radiation_wavelength.id           1 
_diffrn_radiation_wavelength.wavelength   0.97741 
_diffrn_radiation_wavelength.wt           1.0 
# 
_diffrn_source.current                     ? 
_diffrn_source.details                     ? 
_diffrn_source.diffrn_id                   1 
_diffrn_source.power                       ? 
_diffrn_source.size                        ? 
_diffrn_source.source                      SYNCHROTRON 
_diffrn_source.target                      ? 
_diffrn_source.type                        'ALS BEAMLINE 5.0.1' 
_diffrn_source.voltage                     ? 
_diffrn_source.take-off_angle              ? 
_diffrn_source.pdbx_wavelength_list        0.97741 
_diffrn_source.pdbx_wavelength             ? 
_diffrn_source.pdbx_synchrotron_beamline   5.0.1 
_diffrn_source.pdbx_synchrotron_site       ALS 
# 
_reflns.B_iso_Wilson_estimate                          ? 
_reflns.entry_id                                       9OKT 
_reflns.data_reduction_details                         ? 
_reflns.data_reduction_method                          ? 
_reflns.d_resolution_high                              1.32 
_reflns.d_resolution_low                               50 
_reflns.details                                        ? 
_reflns.limit_h_max                                    ? 
_reflns.limit_h_min                                    ? 
_reflns.limit_k_max                                    ? 
_reflns.limit_k_min                                    ? 
_reflns.limit_l_max                                    ? 
_reflns.limit_l_min                                    ? 
_reflns.number_all                                     ? 
_reflns.number_obs                                     9461 
_reflns.observed_criterion                             ? 
_reflns.observed_criterion_F_max                       ? 
_reflns.observed_criterion_F_min                       ? 
_reflns.observed_criterion_I_max                       ? 
_reflns.observed_criterion_I_min                       ? 
_reflns.observed_criterion_sigma_F                     ? 
_reflns.observed_criterion_sigma_I                     ? 
_reflns.percent_possible_obs                           96.9 
_reflns.R_free_details                                 ? 
_reflns.Rmerge_F_all                                   ? 
_reflns.Rmerge_F_obs                                   ? 
_reflns.Friedel_coverage                               ? 
_reflns.number_gt                                      ? 
_reflns.threshold_expression                           ? 
_reflns.pdbx_redundancy                                9.4 
_reflns.pdbx_netI_over_av_sigmaI                       ? 
_reflns.pdbx_netI_over_sigmaI                          30.3 
_reflns.pdbx_res_netI_over_av_sigmaI_2                 ? 
_reflns.pdbx_res_netI_over_sigmaI_2                    ? 
_reflns.pdbx_chi_squared                               0.928 
_reflns.pdbx_scaling_rejects                           ? 
_reflns.pdbx_d_res_high_opt                            ? 
_reflns.pdbx_d_res_low_opt                             ? 
_reflns.pdbx_d_res_opt_method                          ? 
_reflns.phase_calculation_details                      ? 
_reflns.pdbx_Rrim_I_all                                0.064 
_reflns.pdbx_Rpim_I_all                                0.021 
_reflns.pdbx_d_opt                                     ? 
_reflns.pdbx_number_measured_all                       ? 
_reflns.pdbx_diffrn_id                                 1 
_reflns.pdbx_ordinal                                   1 
_reflns.pdbx_CC_half                                   0.992 
_reflns.pdbx_CC_star                                   0.998 
_reflns.pdbx_R_split                                   ? 
_reflns.pdbx_Rmerge_I_obs                              0.060 
_reflns.pdbx_Rmerge_I_all                              ? 
_reflns.pdbx_Rsym_value                                ? 
_reflns.pdbx_CC_split_method                           ? 
_reflns.pdbx_aniso_diffraction_limit_axis_1_ortho[1]   ? 
_reflns.pdbx_aniso_diffraction_limit_axis_1_ortho[2]   ? 
_reflns.pdbx_aniso_diffraction_limit_axis_1_ortho[3]   ? 
_reflns.pdbx_aniso_diffraction_limit_axis_2_ortho[1]   ? 
_reflns.pdbx_aniso_diffraction_limit_axis_2_ortho[2]   ? 
_reflns.pdbx_aniso_diffraction_limit_axis_2_ortho[3]   ? 
_reflns.pdbx_aniso_diffraction_limit_axis_3_ortho[1]   ? 
_reflns.pdbx_aniso_diffraction_limit_axis_3_ortho[2]   ? 
_reflns.pdbx_aniso_diffraction_limit_axis_3_ortho[3]   ? 
_reflns.pdbx_aniso_diffraction_limit_1                 ? 
_reflns.pdbx_aniso_diffraction_limit_2                 ? 
_reflns.pdbx_aniso_diffraction_limit_3                 ? 
_reflns.pdbx_aniso_B_tensor_eigenvector_1_ortho[1]     ? 
_reflns.pdbx_aniso_B_tensor_eigenvector_1_ortho[2]     ? 
_reflns.pdbx_aniso_B_tensor_eigenvector_1_ortho[3]     ? 
_reflns.pdbx_aniso_B_tensor_eigenvector_2_ortho[1]     ? 
_reflns.pdbx_aniso_B_tensor_eigenvector_2_ortho[2]     ? 
_reflns.pdbx_aniso_B_tensor_eigenvector_2_ortho[3]     ? 
_reflns.pdbx_aniso_B_tensor_eigenvector_3_ortho[1]     ? 
_reflns.pdbx_aniso_B_tensor_eigenvector_3_ortho[2]     ? 
_reflns.pdbx_aniso_B_tensor_eigenvector_3_ortho[3]     ? 
_reflns.pdbx_aniso_B_tensor_eigenvalue_1               ? 
_reflns.pdbx_aniso_B_tensor_eigenvalue_2               ? 
_reflns.pdbx_aniso_B_tensor_eigenvalue_3               ? 
_reflns.pdbx_orthogonalization_convention              ? 
_reflns.pdbx_percent_possible_ellipsoidal              ? 
_reflns.pdbx_percent_possible_spherical                ? 
_reflns.pdbx_percent_possible_ellipsoidal_anomalous    ? 
_reflns.pdbx_percent_possible_spherical_anomalous      ? 
_reflns.pdbx_redundancy_anomalous                      ? 
_reflns.pdbx_CC_half_anomalous                         ? 
_reflns.pdbx_absDiff_over_sigma_anomalous              ? 
_reflns.pdbx_percent_possible_anomalous                ? 
_reflns.pdbx_observed_signal_threshold                 ? 
_reflns.pdbx_signal_type                               ? 
_reflns.pdbx_signal_details                            ? 
_reflns.pdbx_signal_software_id                        ? 
# 
_reflns_shell.d_res_high                                    1.32 
_reflns_shell.d_res_low                                     1.34 
_reflns_shell.meanI_over_sigI_all                           ? 
_reflns_shell.meanI_over_sigI_obs                           4.0 
_reflns_shell.number_measured_all                           ? 
_reflns_shell.number_measured_obs                           ? 
_reflns_shell.number_possible                               ? 
_reflns_shell.number_unique_all                             ? 
_reflns_shell.number_unique_obs                             417 
_reflns_shell.percent_possible_obs                          ? 
_reflns_shell.Rmerge_F_all                                  ? 
_reflns_shell.Rmerge_F_obs                                  ? 
_reflns_shell.meanI_over_sigI_gt                            ? 
_reflns_shell.meanI_over_uI_all                             ? 
_reflns_shell.meanI_over_uI_gt                              ? 
_reflns_shell.number_measured_gt                            ? 
_reflns_shell.number_unique_gt                              ? 
_reflns_shell.percent_possible_gt                           ? 
_reflns_shell.Rmerge_F_gt                                   ? 
_reflns_shell.Rmerge_I_gt                                   ? 
_reflns_shell.pdbx_redundancy                               8.6 
_reflns_shell.pdbx_chi_squared                              0.884 
_reflns_shell.pdbx_netI_over_sigmaI_all                     ? 
_reflns_shell.pdbx_netI_over_sigmaI_obs                     ? 
_reflns_shell.pdbx_Rrim_I_all                               0.543 
_reflns_shell.pdbx_Rpim_I_all                               0.180 
_reflns_shell.pdbx_rejects                                  ? 
_reflns_shell.pdbx_ordinal                                  1 
_reflns_shell.pdbx_diffrn_id                                1 
_reflns_shell.pdbx_CC_half                                  0.902 
_reflns_shell.pdbx_CC_star                                  0.974 
_reflns_shell.pdbx_R_split                                  ? 
_reflns_shell.percent_possible_all                          88.7 
_reflns_shell.Rmerge_I_all                                  ? 
_reflns_shell.Rmerge_I_obs                                  0.511 
_reflns_shell.pdbx_Rsym_value                               ? 
_reflns_shell.pdbx_percent_possible_ellipsoidal             ? 
_reflns_shell.pdbx_percent_possible_spherical               ? 
_reflns_shell.pdbx_percent_possible_ellipsoidal_anomalous   ? 
_reflns_shell.pdbx_percent_possible_spherical_anomalous     ? 
_reflns_shell.pdbx_redundancy_anomalous                     ? 
_reflns_shell.pdbx_CC_half_anomalous                        ? 
_reflns_shell.pdbx_absDiff_over_sigma_anomalous             ? 
_reflns_shell.pdbx_percent_possible_anomalous               ? 
# 
_refine.aniso_B[1][1]                            0.002 
_refine.aniso_B[1][2]                            0.001 
_refine.aniso_B[1][3]                            0.000 
_refine.aniso_B[2][2]                            0.002 
_refine.aniso_B[2][3]                            0.000 
_refine.aniso_B[3][3]                            -0.007 
_refine.B_iso_max                                ? 
_refine.B_iso_mean                               11.904 
_refine.B_iso_min                                ? 
_refine.correlation_coeff_Fo_to_Fc               0.970 
_refine.correlation_coeff_Fo_to_Fc_free          0.969 
_refine.details                                  'Hydrogens have been added in their riding positions' 
_refine.diff_density_max                         ? 
_refine.diff_density_max_esd                     ? 
_refine.diff_density_min                         ? 
_refine.diff_density_min_esd                     ? 
_refine.diff_density_rms                         ? 
_refine.diff_density_rms_esd                     ? 
_refine.entry_id                                 9OKT 
_refine.pdbx_refine_id                           'X-RAY DIFFRACTION' 
_refine.ls_abs_structure_details                 ? 
_refine.ls_abs_structure_Flack                   ? 
_refine.ls_abs_structure_Flack_esd               ? 
_refine.ls_abs_structure_Rogers                  ? 
_refine.ls_abs_structure_Rogers_esd              ? 
_refine.ls_d_res_high                            1.320 
_refine.ls_d_res_low                             34.128 
_refine.ls_extinction_coef                       ? 
_refine.ls_extinction_coef_esd                   ? 
_refine.ls_extinction_expression                 ? 
_refine.ls_extinction_method                     ? 
_refine.ls_goodness_of_fit_all                   ? 
_refine.ls_goodness_of_fit_all_esd               ? 
_refine.ls_goodness_of_fit_obs                   ? 
_refine.ls_goodness_of_fit_obs_esd               ? 
_refine.ls_hydrogen_treatment                    ? 
_refine.ls_matrix_type                           ? 
_refine.ls_number_constraints                    ? 
_refine.ls_number_parameters                     ? 
_refine.ls_number_reflns_all                     ? 
_refine.ls_number_reflns_obs                     9356 
_refine.ls_number_reflns_R_free                  438 
_refine.ls_number_reflns_R_work                  8918 
_refine.ls_number_restraints                     ? 
_refine.ls_percent_reflns_obs                    95.792 
_refine.ls_percent_reflns_R_free                 4.681 
_refine.ls_R_factor_all                          0.184 
_refine.ls_R_factor_obs                          ? 
_refine.ls_R_factor_R_free                       0.2065 
_refine.ls_R_factor_R_free_error                 ? 
_refine.ls_R_factor_R_free_error_details         ? 
_refine.ls_R_factor_R_work                       0.1828 
_refine.ls_R_Fsqd_factor_obs                     ? 
_refine.ls_R_I_factor_obs                        ? 
_refine.ls_redundancy_reflns_all                 ? 
_refine.ls_redundancy_reflns_obs                 ? 
_refine.ls_restrained_S_all                      ? 
_refine.ls_restrained_S_obs                      ? 
_refine.ls_shift_over_esd_max                    ? 
_refine.ls_shift_over_esd_mean                   ? 
_refine.ls_structure_factor_coef                 ? 
_refine.ls_weighting_details                     ? 
_refine.ls_weighting_scheme                      ? 
_refine.ls_wR_factor_all                         ? 
_refine.ls_wR_factor_obs                         ? 
_refine.ls_wR_factor_R_free                      ? 
_refine.ls_wR_factor_R_work                      ? 
_refine.occupancy_max                            ? 
_refine.occupancy_min                            ? 
_refine.solvent_model_details                    'MASK BULK SOLVENT' 
_refine.solvent_model_param_bsol                 ? 
_refine.solvent_model_param_ksol                 ? 
_refine.correlation_coeff_I_to_Fcsqd_work        ? 
_refine.correlation_coeff_I_to_Fcsqd_free        ? 
_refine.pdbx_R_complete                          ? 
_refine.ls_R_factor_gt                           ? 
_refine.ls_goodness_of_fit_gt                    ? 
_refine.ls_goodness_of_fit_ref                   ? 
_refine.ls_shift_over_su_max                     ? 
_refine.ls_shift_over_su_max_lt                  ? 
_refine.ls_shift_over_su_mean                    ? 
_refine.ls_shift_over_su_mean_lt                 ? 
_refine.pdbx_ls_sigma_I                          ? 
_refine.pdbx_ls_sigma_F                          ? 
_refine.pdbx_ls_sigma_Fsqd                       ? 
_refine.pdbx_data_cutoff_high_absF               ? 
_refine.pdbx_data_cutoff_high_rms_absF           ? 
_refine.pdbx_data_cutoff_low_absF                ? 
_refine.pdbx_isotropic_thermal_model             ? 
_refine.pdbx_ls_cross_valid_method               THROUGHOUT 
_refine.pdbx_method_to_determine_struct          'MOLECULAR REPLACEMENT' 
_refine.pdbx_starting_model                      ? 
_refine.pdbx_stereochemistry_target_values       ? 
_refine.pdbx_R_Free_selection_details            ? 
_refine.pdbx_stereochem_target_val_spec_case     ? 
_refine.pdbx_overall_ESU_R                       0.062 
_refine.pdbx_overall_ESU_R_Free                  0.063 
_refine.pdbx_solvent_vdw_probe_radii             1.200 
_refine.pdbx_solvent_ion_probe_radii             0.800 
_refine.pdbx_solvent_shrinkage_radii             0.800 
_refine.pdbx_real_space_R                        ? 
_refine.pdbx_density_correlation                 ? 
_refine.pdbx_pd_number_of_powder_patterns        ? 
_refine.pdbx_pd_number_of_points                 ? 
_refine.pdbx_pd_meas_number_of_points            ? 
_refine.pdbx_pd_proc_ls_prof_R_factor            ? 
_refine.pdbx_pd_proc_ls_prof_wR_factor           ? 
_refine.pdbx_pd_Marquardt_correlation_coeff      ? 
_refine.pdbx_pd_Fsqrd_R_factor                   ? 
_refine.pdbx_pd_ls_matrix_band_width             ? 
_refine.pdbx_overall_phase_error                 ? 
_refine.pdbx_overall_SU_R_free_Cruickshank_DPI   ? 
_refine.pdbx_overall_SU_R_free_Blow_DPI          ? 
_refine.pdbx_overall_SU_R_Blow_DPI               ? 
_refine.pdbx_TLS_residual_ADP_flag               ? 
_refine.pdbx_diffrn_id                           1 
_refine.overall_SU_B                             0.979 
_refine.overall_SU_ML                            0.041 
_refine.overall_SU_R_Cruickshank_DPI             ? 
_refine.overall_SU_R_free                        ? 
_refine.overall_FOM_free_R_set                   ? 
_refine.overall_FOM_work_R_set                   ? 
_refine.pdbx_average_fsc_overall                 ? 
_refine.pdbx_average_fsc_work                    ? 
_refine.pdbx_average_fsc_free                    ? 
# 
_refine_hist.pdbx_refine_id                   'X-RAY DIFFRACTION' 
_refine_hist.cycle_id                         LAST 
_refine_hist.details                          ? 
_refine_hist.d_res_high                       1.320 
_refine_hist.d_res_low                        34.128 
_refine_hist.number_atoms_solvent             109 
_refine_hist.number_atoms_total               447 
_refine_hist.number_reflns_all                ? 
_refine_hist.number_reflns_obs                ? 
_refine_hist.number_reflns_R_free             ? 
_refine_hist.number_reflns_R_work             ? 
_refine_hist.R_factor_all                     ? 
_refine_hist.R_factor_obs                     ? 
_refine_hist.R_factor_R_free                  ? 
_refine_hist.R_factor_R_work                  ? 
_refine_hist.pdbx_number_residues_total       ? 
_refine_hist.pdbx_B_iso_mean_ligand           ? 
_refine_hist.pdbx_B_iso_mean_solvent          ? 
_refine_hist.pdbx_number_atoms_protein        0 
_refine_hist.pdbx_number_atoms_nucleic_acid   335 
_refine_hist.pdbx_number_atoms_ligand         3 
_refine_hist.pdbx_number_atoms_lipid          ? 
_refine_hist.pdbx_number_atoms_carb           ? 
_refine_hist.pdbx_pseudo_atom_details         ? 
# 
loop_
_refine_ls_restr.pdbx_refine_id 
_refine_ls_restr.criterion 
_refine_ls_restr.dev_ideal 
_refine_ls_restr.dev_ideal_target 
_refine_ls_restr.number 
_refine_ls_restr.rejects 
_refine_ls_restr.type 
_refine_ls_restr.weight 
_refine_ls_restr.pdbx_Zscore 
_refine_ls_restr.pdbx_restraint_function 
'X-RAY DIFFRACTION' ? 0.010 0.011  374 ? r_bond_refined_d               ? ? ? 
'X-RAY DIFFRACTION' ? 0.002 0.018  156 ? r_bond_other_d                 ? ? ? 
'X-RAY DIFFRACTION' ? 2.297 1.837  580 ? r_angle_refined_deg            ? ? ? 
'X-RAY DIFFRACTION' ? 0.694 1.643  381 ? r_angle_other_deg              ? ? ? 
'X-RAY DIFFRACTION' ? 0.069 5.000  11  ? r_dihedral_angle_other_2_deg   ? ? ? 
'X-RAY DIFFRACTION' ? 0.091 0.200  78  ? r_chiral_restr                 ? ? ? 
'X-RAY DIFFRACTION' ? 0.029 0.020  185 ? r_gen_planes_refined           ? ? ? 
'X-RAY DIFFRACTION' ? 0.001 0.020  59  ? r_gen_planes_other             ? ? ? 
'X-RAY DIFFRACTION' ? 0.092 0.200  38  ? r_nbd_refined                  ? ? ? 
'X-RAY DIFFRACTION' ? 0.203 0.200  154 ? r_symmetry_nbd_other           ? ? ? 
'X-RAY DIFFRACTION' ? 0.255 0.200  136 ? r_nbtor_refined                ? ? ? 
'X-RAY DIFFRACTION' ? 0.084 0.200  92  ? r_symmetry_nbtor_other         ? ? ? 
'X-RAY DIFFRACTION' ? 0.253 0.200  67  ? r_xyhbond_nbd_refined          ? ? ? 
'X-RAY DIFFRACTION' ? 0.080 0.200  1   ? r_metal_ion_refined            ? ? ? 
'X-RAY DIFFRACTION' ? 0.087 0.200  14  ? r_symmetry_nbd_refined         ? ? ? 
'X-RAY DIFFRACTION' ? 0.143 0.200  61  ? r_nbd_other                    ? ? ? 
'X-RAY DIFFRACTION' ? 0.155 0.200  51  ? r_symmetry_xyhbond_nbd_refined ? ? ? 
'X-RAY DIFFRACTION' ? 1.297 1.357  374 ? r_scbond_it                    ? ? ? 
'X-RAY DIFFRACTION' ? 1.295 1.355  375 ? r_scbond_other                 ? ? ? 
'X-RAY DIFFRACTION' ? 1.815 2.480  580 ? r_scangle_it                   ? ? ? 
'X-RAY DIFFRACTION' ? 1.813 2.479  581 ? r_scangle_other                ? ? ? 
'X-RAY DIFFRACTION' ? 5.306 24.793 557 ? r_lrange_it                    ? ? ? 
'X-RAY DIFFRACTION' ? 4.654 19.901 515 ? r_lrange_other                 ? ? ? 
# 
loop_
_refine_ls_shell.pdbx_refine_id 
_refine_ls_shell.d_res_high 
_refine_ls_shell.d_res_low 
_refine_ls_shell.number_reflns_all 
_refine_ls_shell.number_reflns_obs 
_refine_ls_shell.number_reflns_R_free 
_refine_ls_shell.number_reflns_R_work 
_refine_ls_shell.percent_reflns_obs 
_refine_ls_shell.percent_reflns_R_free 
_refine_ls_shell.R_factor_all 
_refine_ls_shell.R_factor_obs 
_refine_ls_shell.R_factor_R_free_error 
_refine_ls_shell.R_factor_R_work 
_refine_ls_shell.redundancy_reflns_all 
_refine_ls_shell.redundancy_reflns_obs 
_refine_ls_shell.wR_factor_all 
_refine_ls_shell.wR_factor_obs 
_refine_ls_shell.wR_factor_R_free 
_refine_ls_shell.wR_factor_R_work 
_refine_ls_shell.pdbx_R_complete 
_refine_ls_shell.correlation_coeff_Fo_to_Fc 
_refine_ls_shell.correlation_coeff_Fo_to_Fc_free 
_refine_ls_shell.correlation_coeff_I_to_Fcsqd_work 
_refine_ls_shell.correlation_coeff_I_to_Fcsqd_free 
_refine_ls_shell.pdbx_total_number_of_bins_used 
_refine_ls_shell.pdbx_phase_error 
_refine_ls_shell.pdbx_fsc_work 
_refine_ls_shell.pdbx_fsc_free 
_refine_ls_shell.R_factor_R_free 
'X-RAY DIFFRACTION' 1.320 1.354  691 . 20 507 76.2663  . 0.277 . . 0.274 . . . . . 0.247 . . . . . 20 . 0.952 0.927 0.390 
'X-RAY DIFFRACTION' 1.354 1.391  694 . 32 608 92.2190  . 0.247 . . 0.245 . . . . . 0.221 . . . . . 20 . 0.959 0.942 0.284 
'X-RAY DIFFRACTION' 1.391 1.431  664 . 36 595 95.0301  . 0.244 . . 0.241 . . . . . 0.211 . . . . . 20 . 0.962 0.940 0.292 
'X-RAY DIFFRACTION' 1.431 1.475  659 . 26 611 96.6616  . 0.237 . . 0.234 . . . . . 0.206 . . . . . 20 . 0.967 0.931 0.313 
'X-RAY DIFFRACTION' 1.475 1.524  635 . 26 588 96.6929  . 0.207 . . 0.208 . . . . . 0.185 . . . . . 20 . 0.973 0.976 0.199 
'X-RAY DIFFRACTION' 1.524 1.577  614 . 45 552 97.2313  . 0.180 . . 0.177 . . . . . 0.162 . . . . . 20 . 0.979 0.971 0.214 
'X-RAY DIFFRACTION' 1.577 1.636  594 . 24 553 97.1380  . 0.179 . . 0.180 . . . . . 0.171 . . . . . 20 . 0.980 0.988 0.146 
'X-RAY DIFFRACTION' 1.636 1.703  579 . 34 530 97.4093  . 0.183 . . 0.180 . . . . . 0.169 . . . . . 20 . 0.981 0.966 0.228 
'X-RAY DIFFRACTION' 1.703 1.778  552 . 25 515 97.8261  . 0.167 . . 0.166 . . . . . 0.166 . . . . . 20 . 0.982 0.976 0.202 
'X-RAY DIFFRACTION' 1.778 1.865  523 . 14 498 97.8968  . 0.182 . . 0.182 . . . . . 0.188 . . . . . 20 . 0.978 0.984 0.172 
'X-RAY DIFFRACTION' 1.865 1.966  506 . 28 468 98.0237  . 0.203 . . 0.200 . . . . . 0.206 . . . . . 20 . 0.973 0.970 0.247 
'X-RAY DIFFRACTION' 1.966 2.084  476 . 21 448 98.5294  . 0.181 . . 0.178 . . . . . 0.190 . . . . . 20 . 0.979 0.960 0.240 
'X-RAY DIFFRACTION' 2.084 2.228  445 . 20 419 98.6517  . 0.188 . . 0.186 . . . . . 0.203 . . . . . 20 . 0.978 0.971 0.247 
'X-RAY DIFFRACTION' 2.228 2.405  433 . 19 409 98.8453  . 0.179 . . 0.178 . . . . . 0.200 . . . . . 20 . 0.981 0.976 0.210 
'X-RAY DIFFRACTION' 2.405 2.634  387 . 18 365 98.9664  . 0.187 . . 0.189 . . . . . 0.224 . . . . . 20 . 0.978 0.989 0.146 
'X-RAY DIFFRACTION' 2.634 2.942  357 . 12 342 99.1597  . 0.190 . . 0.185 . . . . . 0.227 . . . . . 20 . 0.977 0.946 0.342 
'X-RAY DIFFRACTION' 2.942 3.393  320 . 14 301 98.4375  . 0.169 . . 0.169 . . . . . 0.229 . . . . . 20 . 0.987 0.980 0.162 
'X-RAY DIFFRACTION' 3.393 4.146  272 . 5  263 98.5294  . 0.151 . . 0.153 . . . . . 0.209 . . . . . 20 . 0.987 0.990 0.083 
'X-RAY DIFFRACTION' 4.146 5.820  221 . 11 210 100.0000 . 0.135 . . 0.136 . . . . . 0.200 . . . . . 20 . 0.988 0.993 0.122 
'X-RAY DIFFRACTION' 5.820 34.128 144 . 8  136 100.0000 . 0.224 . . 0.220 . . . . . 0.287 . . . . . 20 . 0.971 0.958 0.308 
# 
_struct.entry_id                     9OKT 
_struct.title                        '16mer self-complementary duplex RNA with dA:U pair sequence 2' 
_struct.pdbx_model_details           ? 
_struct.pdbx_formula_weight          ? 
_struct.pdbx_formula_weight_method   ? 
_struct.pdbx_model_type_details      ? 
_struct.pdbx_CASP_flag               N 
# 
_struct_keywords.entry_id        9OKT 
_struct_keywords.text            'Deoxyribo-purine, RNA duplex, Origin of Life, RNA' 
_struct_keywords.pdbx_keywords   RNA 
# 
loop_
_struct_asym.id 
_struct_asym.pdbx_blank_PDB_chainid_flag 
_struct_asym.pdbx_modified 
_struct_asym.entity_id 
_struct_asym.details 
A N N 1 ? 
B N N 2 ? 
C N N 2 ? 
D N N 2 ? 
E N N 3 ? 
# 
_struct_ref.id                         1 
_struct_ref.db_name                    PDB 
_struct_ref.db_code                    9OKT 
_struct_ref.pdbx_db_accession          9OKT 
_struct_ref.pdbx_db_isoform            ? 
_struct_ref.entity_id                  1 
_struct_ref.pdbx_seq_one_letter_code   ? 
_struct_ref.pdbx_align_begin           1 
# 
_struct_ref_seq.align_id                      1 
_struct_ref_seq.ref_id                        1 
_struct_ref_seq.pdbx_PDB_id_code              9OKT 
_struct_ref_seq.pdbx_strand_id                A 
_struct_ref_seq.seq_align_beg                 1 
_struct_ref_seq.pdbx_seq_align_beg_ins_code   ? 
_struct_ref_seq.seq_align_end                 16 
_struct_ref_seq.pdbx_seq_align_end_ins_code   ? 
_struct_ref_seq.pdbx_db_accession             9OKT 
_struct_ref_seq.db_align_beg                  1 
_struct_ref_seq.pdbx_db_align_beg_ins_code    ? 
_struct_ref_seq.db_align_end                  16 
_struct_ref_seq.pdbx_db_align_end_ins_code    ? 
_struct_ref_seq.pdbx_auth_seq_align_beg       1 
_struct_ref_seq.pdbx_auth_seq_align_end       16 
# 
_pdbx_struct_assembly.id                   1 
_pdbx_struct_assembly.details              author_and_software_defined_assembly 
_pdbx_struct_assembly.method_details       PISA 
_pdbx_struct_assembly.oligomeric_details   dimeric 
_pdbx_struct_assembly.oligomeric_count     2 
# 
loop_
_pdbx_struct_assembly_prop.biol_id 
_pdbx_struct_assembly_prop.type 
_pdbx_struct_assembly_prop.value 
_pdbx_struct_assembly_prop.details 
1 'ABSA (A^2)' 1850 ? 
1 MORE         -35  ? 
1 'SSA (A^2)'  6020 ? 
# 
_pdbx_struct_assembly_gen.assembly_id       1 
_pdbx_struct_assembly_gen.oper_expression   1,2 
_pdbx_struct_assembly_gen.asym_id_list      A,B,C,D,E 
# 
_pdbx_struct_assembly_auth_evidence.id                     1 
_pdbx_struct_assembly_auth_evidence.assembly_id            1 
_pdbx_struct_assembly_auth_evidence.experimental_support   none 
_pdbx_struct_assembly_auth_evidence.details                ? 
# 
loop_
_pdbx_struct_oper_list.id 
_pdbx_struct_oper_list.type 
_pdbx_struct_oper_list.name 
_pdbx_struct_oper_list.symmetry_operation 
_pdbx_struct_oper_list.matrix[1][1] 
_pdbx_struct_oper_list.matrix[1][2] 
_pdbx_struct_oper_list.matrix[1][3] 
_pdbx_struct_oper_list.vector[1] 
_pdbx_struct_oper_list.matrix[2][1] 
_pdbx_struct_oper_list.matrix[2][2] 
_pdbx_struct_oper_list.matrix[2][3] 
_pdbx_struct_oper_list.vector[2] 
_pdbx_struct_oper_list.matrix[3][1] 
_pdbx_struct_oper_list.matrix[3][2] 
_pdbx_struct_oper_list.matrix[3][3] 
_pdbx_struct_oper_list.vector[3] 
1 'identity operation'         1_555 x,y,z  1.0000000000 0.0000000000 0.0000000000 0.0000000000 0.0000000000 1.0000000000  0.0000000000 0.0000000000 0.0000000000 0.0000000000 1.0000000000  0.0000000000  
2 'crystal symmetry operation' 4_555 y,x,-z 0.5420242424 0.2335257565 0.8072641709 1.4043013346 0.2335257565 -0.9646346163 0.1222529264 1.9940089080 0.8072641709 0.1222529264 -0.5773896261 -3.2593037506 
# 
loop_
_struct_conn.id 
_struct_conn.conn_type_id 
_struct_conn.pdbx_leaving_atom_flag 
_struct_conn.pdbx_PDB_id 
_struct_conn.ptnr1_label_asym_id 
_struct_conn.ptnr1_label_comp_id 
_struct_conn.ptnr1_label_seq_id 
_struct_conn.ptnr1_label_atom_id 
_struct_conn.pdbx_ptnr1_label_alt_id 
_struct_conn.pdbx_ptnr1_PDB_ins_code 
_struct_conn.pdbx_ptnr1_standard_comp_id 
_struct_conn.ptnr1_symmetry 
_struct_conn.ptnr2_label_asym_id 
_struct_conn.ptnr2_label_comp_id 
_struct_conn.ptnr2_label_seq_id 
_struct_conn.ptnr2_label_atom_id 
_struct_conn.pdbx_ptnr2_label_alt_id 
_struct_conn.pdbx_ptnr2_PDB_ins_code 
_struct_conn.ptnr1_auth_asym_id 
_struct_conn.ptnr1_auth_comp_id 
_struct_conn.ptnr1_auth_seq_id 
_struct_conn.ptnr2_auth_asym_id 
_struct_conn.ptnr2_auth_comp_id 
_struct_conn.ptnr2_auth_seq_id 
_struct_conn.ptnr2_symmetry 
_struct_conn.pdbx_ptnr3_label_atom_id 
_struct_conn.pdbx_ptnr3_label_seq_id 
_struct_conn.pdbx_ptnr3_label_comp_id 
_struct_conn.pdbx_ptnr3_label_asym_id 
_struct_conn.pdbx_ptnr3_label_alt_id 
_struct_conn.pdbx_ptnr3_PDB_ins_code 
_struct_conn.details 
_struct_conn.pdbx_dist_value 
_struct_conn.pdbx_value_order 
_struct_conn.pdbx_role 
metalc1  metalc ? ? A A  3  N7 ? ? ? 1_555 C MG  .  MG ? ? A A  3   A MG  102 1_555 ? ? ? ? ? ? ?            2.602 ? ? 
metalc2  metalc ? ? B MG .  MG ? ? ? 1_555 E HOH .  O  ? ? A MG 101 A HOH 202 1_555 ? ? ? ? ? ? ?            2.230 ? ? 
metalc3  metalc ? ? B MG .  MG ? ? ? 1_555 E HOH .  O  ? ? A MG 101 A HOH 223 1_555 ? ? ? ? ? ? ?            2.308 ? ? 
metalc4  metalc ? ? B MG .  MG ? ? ? 1_555 E HOH .  O  ? ? A MG 101 A HOH 238 1_555 ? ? ? ? ? ? ?            2.026 ? ? 
metalc5  metalc ? ? B MG .  MG ? ? ? 1_555 E HOH .  O  ? ? A MG 101 A HOH 304 1_555 ? ? ? ? ? ? ?            2.395 ? ? 
metalc6  metalc ? ? C MG .  MG ? ? ? 1_555 E HOH .  O  ? ? A MG 102 A HOH 225 1_555 ? ? ? ? ? ? ?            2.655 ? ? 
metalc7  metalc ? ? C MG .  MG ? ? ? 1_555 E HOH .  O  ? ? A MG 102 A HOH 254 1_555 ? ? ? ? ? ? ?            2.346 ? ? 
metalc8  metalc ? ? C MG .  MG ? ? ? 1_555 E HOH .  O  ? ? A MG 102 A HOH 275 1_555 ? ? ? ? ? ? ?            2.163 ? ? 
metalc9  metalc ? ? C MG .  MG ? ? ? 1_555 E HOH .  O  ? ? A MG 102 A HOH 280 1_555 ? ? ? ? ? ? ?            2.537 ? ? 
metalc10 metalc ? ? C MG .  MG ? ? ? 1_555 E HOH .  O  ? ? A MG 102 A HOH 309 1_555 ? ? ? ? ? ? ?            2.317 ? ? 
metalc11 metalc ? ? D MG .  MG ? ? ? 1_555 E HOH .  O  ? ? A MG 103 A HOH 218 3_565 ? ? ? ? ? ? ?            2.142 ? ? 
metalc12 metalc ? ? D MG .  MG ? ? ? 1_555 E HOH .  O  ? ? A MG 103 A HOH 230 1_555 ? ? ? ? ? ? ?            2.419 ? ? 
metalc13 metalc ? ? D MG .  MG ? ? ? 1_555 E HOH .  O  ? ? A MG 103 A HOH 261 1_555 ? ? ? ? ? ? ?            1.910 ? ? 
hydrog1  hydrog ? ? A A  1  N1 ? ? ? 1_555 A U   16 N3 ? ? A A  1   A U   16  4_555 ? ? ? ? ? ? WATSON-CRICK ?     ? ? 
hydrog2  hydrog ? ? A A  1  N6 ? ? ? 1_555 A U   16 O4 ? ? A A  1   A U   16  4_555 ? ? ? ? ? ? WATSON-CRICK ?     ? ? 
hydrog3  hydrog ? ? A G  2  N1 ? ? ? 1_555 A C   15 N3 ? ? A G  2   A C   15  4_555 ? ? ? ? ? ? WATSON-CRICK ?     ? ? 
hydrog4  hydrog ? ? A G  2  N2 ? ? ? 1_555 A C   15 O2 ? ? A G  2   A C   15  4_555 ? ? ? ? ? ? WATSON-CRICK ?     ? ? 
hydrog5  hydrog ? ? A G  2  O6 ? ? ? 1_555 A C   15 N4 ? ? A G  2   A C   15  4_555 ? ? ? ? ? ? WATSON-CRICK ?     ? ? 
hydrog6  hydrog ? ? A A  3  N1 ? ? ? 1_555 A U   14 N3 ? ? A A  3   A U   14  4_555 ? ? ? ? ? ? WATSON-CRICK ?     ? ? 
hydrog7  hydrog ? ? A A  3  N6 ? ? ? 1_555 A U   14 O4 ? ? A A  3   A U   14  4_555 ? ? ? ? ? ? WATSON-CRICK ?     ? ? 
hydrog8  hydrog ? ? A G  4  N1 ? ? ? 1_555 A C   13 N3 ? ? A G  4   A C   13  4_555 ? ? ? ? ? ? WATSON-CRICK ?     ? ? 
hydrog9  hydrog ? ? A G  4  N2 ? ? ? 1_555 A C   13 O2 ? ? A G  4   A C   13  4_555 ? ? ? ? ? ? WATSON-CRICK ?     ? ? 
hydrog10 hydrog ? ? A G  4  O6 ? ? ? 1_555 A C   13 N4 ? ? A G  4   A C   13  4_555 ? ? ? ? ? ? WATSON-CRICK ?     ? ? 
hydrog11 hydrog ? ? A A  5  N1 ? ? ? 1_555 A U   12 N3 ? ? A A  5   A U   12  4_555 ? ? ? ? ? ? WATSON-CRICK ?     ? ? 
hydrog12 hydrog ? ? A A  5  N6 ? ? ? 1_555 A U   12 O4 ? ? A A  5   A U   12  4_555 ? ? ? ? ? ? WATSON-CRICK ?     ? ? 
hydrog13 hydrog ? ? A A  6  N1 ? ? ? 1_555 A U   11 N3 ? ? A A  6   A U   11  4_555 ? ? ? ? ? ? WATSON-CRICK ?     ? ? 
hydrog14 hydrog ? ? A A  6  N6 ? ? ? 1_555 A U   11 O4 ? ? A A  6   A U   11  4_555 ? ? ? ? ? ? WATSON-CRICK ?     ? ? 
hydrog15 hydrog ? ? A G  7  N1 ? ? ? 1_555 A C   10 N3 ? ? A G  7   A C   10  4_555 ? ? ? ? ? ? WATSON-CRICK ?     ? ? 
hydrog16 hydrog ? ? A G  7  N2 ? ? ? 1_555 A C   10 O2 ? ? A G  7   A C   10  4_555 ? ? ? ? ? ? WATSON-CRICK ?     ? ? 
hydrog17 hydrog ? ? A G  7  O6 ? ? ? 1_555 A C   10 N4 ? ? A G  7   A C   10  4_555 ? ? ? ? ? ? WATSON-CRICK ?     ? ? 
hydrog18 hydrog ? ? A DA 8  N1 ? ? ? 1_555 A U   9  N3 ? ? A DA 8   A U   9   4_555 ? ? ? ? ? ? WATSON-CRICK ?     ? ? 
hydrog19 hydrog ? ? A DA 8  N6 ? ? ? 1_555 A U   9  O4 ? ? A DA 8   A U   9   4_555 ? ? ? ? ? ? WATSON-CRICK ?     ? ? 
hydrog20 hydrog ? ? A U  9  N3 ? ? ? 1_555 A DA  8  N1 ? ? A U  9   A DA  8   4_555 ? ? ? ? ? ? WATSON-CRICK ?     ? ? 
hydrog21 hydrog ? ? A U  9  O4 ? ? ? 1_555 A DA  8  N6 ? ? A U  9   A DA  8   4_555 ? ? ? ? ? ? WATSON-CRICK ?     ? ? 
hydrog22 hydrog ? ? A C  10 N3 ? ? ? 1_555 A G   7  N1 ? ? A C  10  A G   7   4_555 ? ? ? ? ? ? WATSON-CRICK ?     ? ? 
hydrog23 hydrog ? ? A C  10 N4 ? ? ? 1_555 A G   7  O6 ? ? A C  10  A G   7   4_555 ? ? ? ? ? ? WATSON-CRICK ?     ? ? 
hydrog24 hydrog ? ? A C  10 O2 ? ? ? 1_555 A G   7  N2 ? ? A C  10  A G   7   4_555 ? ? ? ? ? ? WATSON-CRICK ?     ? ? 
hydrog25 hydrog ? ? A U  11 N3 ? ? ? 1_555 A A   6  N1 ? ? A U  11  A A   6   4_555 ? ? ? ? ? ? WATSON-CRICK ?     ? ? 
hydrog26 hydrog ? ? A U  11 O4 ? ? ? 1_555 A A   6  N6 ? ? A U  11  A A   6   4_555 ? ? ? ? ? ? WATSON-CRICK ?     ? ? 
hydrog27 hydrog ? ? A U  12 N3 ? ? ? 1_555 A A   5  N1 ? ? A U  12  A A   5   4_555 ? ? ? ? ? ? WATSON-CRICK ?     ? ? 
hydrog28 hydrog ? ? A U  12 O4 ? ? ? 1_555 A A   5  N6 ? ? A U  12  A A   5   4_555 ? ? ? ? ? ? WATSON-CRICK ?     ? ? 
hydrog29 hydrog ? ? A C  13 N3 ? ? ? 1_555 A G   4  N1 ? ? A C  13  A G   4   4_555 ? ? ? ? ? ? WATSON-CRICK ?     ? ? 
hydrog30 hydrog ? ? A C  13 N4 ? ? ? 1_555 A G   4  O6 ? ? A C  13  A G   4   4_555 ? ? ? ? ? ? WATSON-CRICK ?     ? ? 
hydrog31 hydrog ? ? A C  13 O2 ? ? ? 1_555 A G   4  N2 ? ? A C  13  A G   4   4_555 ? ? ? ? ? ? WATSON-CRICK ?     ? ? 
hydrog32 hydrog ? ? A U  14 N3 ? ? ? 1_555 A A   3  N1 ? ? A U  14  A A   3   4_555 ? ? ? ? ? ? WATSON-CRICK ?     ? ? 
hydrog33 hydrog ? ? A U  14 O4 ? ? ? 1_555 A A   3  N6 ? ? A U  14  A A   3   4_555 ? ? ? ? ? ? WATSON-CRICK ?     ? ? 
hydrog34 hydrog ? ? A C  15 N3 ? ? ? 1_555 A G   2  N1 ? ? A C  15  A G   2   4_555 ? ? ? ? ? ? WATSON-CRICK ?     ? ? 
hydrog35 hydrog ? ? A C  15 N4 ? ? ? 1_555 A G   2  O6 ? ? A C  15  A G   2   4_555 ? ? ? ? ? ? WATSON-CRICK ?     ? ? 
hydrog36 hydrog ? ? A C  15 O2 ? ? ? 1_555 A G   2  N2 ? ? A C  15  A G   2   4_555 ? ? ? ? ? ? WATSON-CRICK ?     ? ? 
hydrog37 hydrog ? ? A U  16 N3 ? ? ? 1_555 A A   1  N1 ? ? A U  16  A A   1   4_555 ? ? ? ? ? ? WATSON-CRICK ?     ? ? 
hydrog38 hydrog ? ? A U  16 O4 ? ? ? 1_555 A A   1  N6 ? ? A U  16  A A   1   4_555 ? ? ? ? ? ? WATSON-CRICK ?     ? ? 
# 
loop_
_struct_conn_type.id 
_struct_conn_type.criteria 
_struct_conn_type.reference 
metalc ? ? 
hydrog ? ? 
# 
loop_
_pdbx_struct_conn_angle.id 
_pdbx_struct_conn_angle.ptnr1_label_atom_id 
_pdbx_struct_conn_angle.ptnr1_label_alt_id 
_pdbx_struct_conn_angle.ptnr1_label_asym_id 
_pdbx_struct_conn_angle.ptnr1_label_comp_id 
_pdbx_struct_conn_angle.ptnr1_label_seq_id 
_pdbx_struct_conn_angle.ptnr1_auth_atom_id 
_pdbx_struct_conn_angle.ptnr1_auth_asym_id 
_pdbx_struct_conn_angle.ptnr1_auth_comp_id 
_pdbx_struct_conn_angle.ptnr1_auth_seq_id 
_pdbx_struct_conn_angle.ptnr1_PDB_ins_code 
_pdbx_struct_conn_angle.ptnr1_symmetry 
_pdbx_struct_conn_angle.ptnr2_label_atom_id 
_pdbx_struct_conn_angle.ptnr2_label_alt_id 
_pdbx_struct_conn_angle.ptnr2_label_asym_id 
_pdbx_struct_conn_angle.ptnr2_label_comp_id 
_pdbx_struct_conn_angle.ptnr2_label_seq_id 
_pdbx_struct_conn_angle.ptnr2_auth_atom_id 
_pdbx_struct_conn_angle.ptnr2_auth_asym_id 
_pdbx_struct_conn_angle.ptnr2_auth_comp_id 
_pdbx_struct_conn_angle.ptnr2_auth_seq_id 
_pdbx_struct_conn_angle.ptnr2_PDB_ins_code 
_pdbx_struct_conn_angle.ptnr2_symmetry 
_pdbx_struct_conn_angle.ptnr3_label_atom_id 
_pdbx_struct_conn_angle.ptnr3_label_alt_id 
_pdbx_struct_conn_angle.ptnr3_label_asym_id 
_pdbx_struct_conn_angle.ptnr3_label_comp_id 
_pdbx_struct_conn_angle.ptnr3_label_seq_id 
_pdbx_struct_conn_angle.ptnr3_auth_atom_id 
_pdbx_struct_conn_angle.ptnr3_auth_asym_id 
_pdbx_struct_conn_angle.ptnr3_auth_comp_id 
_pdbx_struct_conn_angle.ptnr3_auth_seq_id 
_pdbx_struct_conn_angle.ptnr3_PDB_ins_code 
_pdbx_struct_conn_angle.ptnr3_symmetry 
_pdbx_struct_conn_angle.value 
_pdbx_struct_conn_angle.value_esd 
1  N7 ? A A   3 ? A A   3   ? 1_555 MG ? C MG . ? A MG 102 ? 1_555 O ? E HOH . ? A HOH 225 ? 1_555 93.8  ? 
2  N7 ? A A   3 ? A A   3   ? 1_555 MG ? C MG . ? A MG 102 ? 1_555 O ? E HOH . ? A HOH 254 ? 1_555 96.7  ? 
3  O  ? E HOH . ? A HOH 225 ? 1_555 MG ? C MG . ? A MG 102 ? 1_555 O ? E HOH . ? A HOH 254 ? 1_555 162.3 ? 
4  N7 ? A A   3 ? A A   3   ? 1_555 MG ? C MG . ? A MG 102 ? 1_555 O ? E HOH . ? A HOH 275 ? 1_555 85.6  ? 
5  O  ? E HOH . ? A HOH 225 ? 1_555 MG ? C MG . ? A MG 102 ? 1_555 O ? E HOH . ? A HOH 275 ? 1_555 99.6  ? 
6  O  ? E HOH . ? A HOH 254 ? 1_555 MG ? C MG . ? A MG 102 ? 1_555 O ? E HOH . ? A HOH 275 ? 1_555 95.3  ? 
7  N7 ? A A   3 ? A A   3   ? 1_555 MG ? C MG . ? A MG 102 ? 1_555 O ? E HOH . ? A HOH 280 ? 1_555 91.2  ? 
8  O  ? E HOH . ? A HOH 225 ? 1_555 MG ? C MG . ? A MG 102 ? 1_555 O ? E HOH . ? A HOH 280 ? 1_555 85.9  ? 
9  O  ? E HOH . ? A HOH 254 ? 1_555 MG ? C MG . ? A MG 102 ? 1_555 O ? E HOH . ? A HOH 280 ? 1_555 79.7  ? 
10 O  ? E HOH . ? A HOH 275 ? 1_555 MG ? C MG . ? A MG 102 ? 1_555 O ? E HOH . ? A HOH 280 ? 1_555 173.7 ? 
11 N7 ? A A   3 ? A A   3   ? 1_555 MG ? C MG . ? A MG 102 ? 1_555 O ? E HOH . ? A HOH 309 ? 1_555 174.9 ? 
12 O  ? E HOH . ? A HOH 225 ? 1_555 MG ? C MG . ? A MG 102 ? 1_555 O ? E HOH . ? A HOH 309 ? 1_555 81.8  ? 
13 O  ? E HOH . ? A HOH 254 ? 1_555 MG ? C MG . ? A MG 102 ? 1_555 O ? E HOH . ? A HOH 309 ? 1_555 86.9  ? 
14 O  ? E HOH . ? A HOH 275 ? 1_555 MG ? C MG . ? A MG 102 ? 1_555 O ? E HOH . ? A HOH 309 ? 1_555 97.7  ? 
15 O  ? E HOH . ? A HOH 280 ? 1_555 MG ? C MG . ? A MG 102 ? 1_555 O ? E HOH . ? A HOH 309 ? 1_555 85.9  ? 
16 O  ? E HOH . ? A HOH 202 ? 1_555 MG ? B MG . ? A MG 101 ? 1_555 O ? E HOH . ? A HOH 223 ? 1_555 111.3 ? 
17 O  ? E HOH . ? A HOH 202 ? 1_555 MG ? B MG . ? A MG 101 ? 1_555 O ? E HOH . ? A HOH 238 ? 1_555 91.1  ? 
18 O  ? E HOH . ? A HOH 223 ? 1_555 MG ? B MG . ? A MG 101 ? 1_555 O ? E HOH . ? A HOH 238 ? 1_555 81.4  ? 
19 O  ? E HOH . ? A HOH 202 ? 1_555 MG ? B MG . ? A MG 101 ? 1_555 O ? E HOH . ? A HOH 304 ? 1_555 87.8  ? 
20 O  ? E HOH . ? A HOH 223 ? 1_555 MG ? B MG . ? A MG 101 ? 1_555 O ? E HOH . ? A HOH 304 ? 1_555 76.9  ? 
21 O  ? E HOH . ? A HOH 238 ? 1_555 MG ? B MG . ? A MG 101 ? 1_555 O ? E HOH . ? A HOH 304 ? 1_555 156.1 ? 
22 O  ? E HOH . ? A HOH 218 ? 3_565 MG ? D MG . ? A MG 103 ? 1_555 O ? E HOH . ? A HOH 230 ? 1_555 60.5  ? 
23 O  ? E HOH . ? A HOH 218 ? 3_565 MG ? D MG . ? A MG 103 ? 1_555 O ? E HOH . ? A HOH 261 ? 1_555 144.0 ? 
24 O  ? E HOH . ? A HOH 230 ? 1_555 MG ? D MG . ? A MG 103 ? 1_555 O ? E HOH . ? A HOH 261 ? 1_555 85.7  ? 
# 
_pdbx_entry_details.entry_id                   9OKT 
_pdbx_entry_details.nonpolymer_details         ? 
_pdbx_entry_details.sequence_details           ? 
_pdbx_entry_details.compound_details           ? 
_pdbx_entry_details.source_details             ? 
_pdbx_entry_details.has_ligand_of_interest     N 
_pdbx_entry_details.has_protein_modification   N 
# 
loop_
_pdbx_validate_close_contact.id 
_pdbx_validate_close_contact.PDB_model_num 
_pdbx_validate_close_contact.auth_atom_id_1 
_pdbx_validate_close_contact.auth_asym_id_1 
_pdbx_validate_close_contact.auth_comp_id_1 
_pdbx_validate_close_contact.auth_seq_id_1 
_pdbx_validate_close_contact.PDB_ins_code_1 
_pdbx_validate_close_contact.label_alt_id_1 
_pdbx_validate_close_contact.auth_atom_id_2 
_pdbx_validate_close_contact.auth_asym_id_2 
_pdbx_validate_close_contact.auth_comp_id_2 
_pdbx_validate_close_contact.auth_seq_id_2 
_pdbx_validate_close_contact.PDB_ins_code_2 
_pdbx_validate_close_contact.label_alt_id_2 
_pdbx_validate_close_contact.dist 
1 1 O A HOH 213 ? ? O A HOH 294 ? ? 2.04 
2 1 O A HOH 299 ? ? O A HOH 305 ? ? 2.08 
3 1 O A HOH 276 ? ? O A HOH 299 ? ? 2.16 
4 1 O A HOH 207 ? ? O A HOH 306 ? ? 2.17 
# 
_pdbx_validate_symm_contact.id                1 
_pdbx_validate_symm_contact.PDB_model_num     1 
_pdbx_validate_symm_contact.auth_atom_id_1    O 
_pdbx_validate_symm_contact.auth_asym_id_1    A 
_pdbx_validate_symm_contact.auth_comp_id_1    HOH 
_pdbx_validate_symm_contact.auth_seq_id_1     217 
_pdbx_validate_symm_contact.PDB_ins_code_1    ? 
_pdbx_validate_symm_contact.label_alt_id_1    ? 
_pdbx_validate_symm_contact.site_symmetry_1   1_555 
_pdbx_validate_symm_contact.auth_atom_id_2    O 
_pdbx_validate_symm_contact.auth_asym_id_2    A 
_pdbx_validate_symm_contact.auth_comp_id_2    HOH 
_pdbx_validate_symm_contact.auth_seq_id_2     295 
_pdbx_validate_symm_contact.PDB_ins_code_2    ? 
_pdbx_validate_symm_contact.label_alt_id_2    ? 
_pdbx_validate_symm_contact.site_symmetry_2   2_665 
_pdbx_validate_symm_contact.dist              2.19 
# 
_pdbx_validate_rmsd_angle.id                         1 
_pdbx_validate_rmsd_angle.PDB_model_num              1 
_pdbx_validate_rmsd_angle.auth_atom_id_1             "O5'" 
_pdbx_validate_rmsd_angle.auth_asym_id_1             A 
_pdbx_validate_rmsd_angle.auth_comp_id_1             G 
_pdbx_validate_rmsd_angle.auth_seq_id_1              7 
_pdbx_validate_rmsd_angle.PDB_ins_code_1             ? 
_pdbx_validate_rmsd_angle.label_alt_id_1             ? 
_pdbx_validate_rmsd_angle.auth_atom_id_2             P 
_pdbx_validate_rmsd_angle.auth_asym_id_2             A 
_pdbx_validate_rmsd_angle.auth_comp_id_2             G 
_pdbx_validate_rmsd_angle.auth_seq_id_2              7 
_pdbx_validate_rmsd_angle.PDB_ins_code_2             ? 
_pdbx_validate_rmsd_angle.label_alt_id_2             ? 
_pdbx_validate_rmsd_angle.auth_atom_id_3             OP2 
_pdbx_validate_rmsd_angle.auth_asym_id_3             A 
_pdbx_validate_rmsd_angle.auth_comp_id_3             G 
_pdbx_validate_rmsd_angle.auth_seq_id_3              7 
_pdbx_validate_rmsd_angle.PDB_ins_code_3             ? 
_pdbx_validate_rmsd_angle.label_alt_id_3             ? 
_pdbx_validate_rmsd_angle.angle_value                89.80 
_pdbx_validate_rmsd_angle.angle_target_value         105.70 
_pdbx_validate_rmsd_angle.angle_deviation            -15.90 
_pdbx_validate_rmsd_angle.angle_standard_deviation   0.90 
_pdbx_validate_rmsd_angle.linker_flag                N 
# 
_pdbx_validate_planes.id              1 
_pdbx_validate_planes.PDB_model_num   1 
_pdbx_validate_planes.auth_comp_id    C 
_pdbx_validate_planes.auth_asym_id    A 
_pdbx_validate_planes.auth_seq_id     15 
_pdbx_validate_planes.PDB_ins_code    ? 
_pdbx_validate_planes.label_alt_id    ? 
_pdbx_validate_planes.rmsd            0.063 
_pdbx_validate_planes.type            'SIDE CHAIN' 
# 
loop_
_pdbx_struct_special_symmetry.id 
_pdbx_struct_special_symmetry.PDB_model_num 
_pdbx_struct_special_symmetry.auth_asym_id 
_pdbx_struct_special_symmetry.auth_comp_id 
_pdbx_struct_special_symmetry.auth_seq_id 
_pdbx_struct_special_symmetry.PDB_ins_code 
_pdbx_struct_special_symmetry.label_asym_id 
_pdbx_struct_special_symmetry.label_comp_id 
_pdbx_struct_special_symmetry.label_seq_id 
1 1 A HOH 226 ? E HOH . 
2 1 A HOH 228 ? E HOH . 
3 1 A HOH 229 ? E HOH . 
4 1 A HOH 266 ? E HOH . 
5 1 A HOH 270 ? E HOH . 
6 1 A HOH 274 ? E HOH . 
7 1 A HOH 287 ? E HOH . 
8 1 A HOH 290 ? E HOH . 
# 
loop_
_chem_comp_atom.comp_id 
_chem_comp_atom.atom_id 
_chem_comp_atom.type_symbol 
_chem_comp_atom.pdbx_aromatic_flag 
_chem_comp_atom.pdbx_stereo_config 
_chem_comp_atom.pdbx_ordinal 
A   OP3    O  N N 1   
A   P      P  N N 2   
A   OP1    O  N N 3   
A   OP2    O  N N 4   
A   "O5'"  O  N N 5   
A   "C5'"  C  N N 6   
A   "C4'"  C  N R 7   
A   "O4'"  O  N N 8   
A   "C3'"  C  N S 9   
A   "O3'"  O  N N 10  
A   "C2'"  C  N R 11  
A   "O2'"  O  N N 12  
A   "C1'"  C  N R 13  
A   N9     N  Y N 14  
A   C8     C  Y N 15  
A   N7     N  Y N 16  
A   C5     C  Y N 17  
A   C6     C  Y N 18  
A   N6     N  N N 19  
A   N1     N  Y N 20  
A   C2     C  Y N 21  
A   N3     N  Y N 22  
A   C4     C  Y N 23  
A   HOP3   H  N N 24  
A   HOP2   H  N N 25  
A   "H5'"  H  N N 26  
A   "H5''" H  N N 27  
A   "H4'"  H  N N 28  
A   "H3'"  H  N N 29  
A   "HO3'" H  N N 30  
A   "H2'"  H  N N 31  
A   "HO2'" H  N N 32  
A   "H1'"  H  N N 33  
A   H8     H  N N 34  
A   H61    H  N N 35  
A   H62    H  N N 36  
A   H2     H  N N 37  
C   OP3    O  N N 38  
C   P      P  N N 39  
C   OP1    O  N N 40  
C   OP2    O  N N 41  
C   "O5'"  O  N N 42  
C   "C5'"  C  N N 43  
C   "C4'"  C  N R 44  
C   "O4'"  O  N N 45  
C   "C3'"  C  N S 46  
C   "O3'"  O  N N 47  
C   "C2'"  C  N R 48  
C   "O2'"  O  N N 49  
C   "C1'"  C  N R 50  
C   N1     N  N N 51  
C   C2     C  N N 52  
C   O2     O  N N 53  
C   N3     N  N N 54  
C   C4     C  N N 55  
C   N4     N  N N 56  
C   C5     C  N N 57  
C   C6     C  N N 58  
C   HOP3   H  N N 59  
C   HOP2   H  N N 60  
C   "H5'"  H  N N 61  
C   "H5''" H  N N 62  
C   "H4'"  H  N N 63  
C   "H3'"  H  N N 64  
C   "HO3'" H  N N 65  
C   "H2'"  H  N N 66  
C   "HO2'" H  N N 67  
C   "H1'"  H  N N 68  
C   H41    H  N N 69  
C   H42    H  N N 70  
C   H5     H  N N 71  
C   H6     H  N N 72  
DA  OP3    O  N N 73  
DA  P      P  N N 74  
DA  OP1    O  N N 75  
DA  OP2    O  N N 76  
DA  "O5'"  O  N N 77  
DA  "C5'"  C  N N 78  
DA  "C4'"  C  N R 79  
DA  "O4'"  O  N N 80  
DA  "C3'"  C  N S 81  
DA  "O3'"  O  N N 82  
DA  "C2'"  C  N N 83  
DA  "C1'"  C  N R 84  
DA  N9     N  Y N 85  
DA  C8     C  Y N 86  
DA  N7     N  Y N 87  
DA  C5     C  Y N 88  
DA  C6     C  Y N 89  
DA  N6     N  N N 90  
DA  N1     N  Y N 91  
DA  C2     C  Y N 92  
DA  N3     N  Y N 93  
DA  C4     C  Y N 94  
DA  HOP3   H  N N 95  
DA  HOP2   H  N N 96  
DA  "H5'"  H  N N 97  
DA  "H5''" H  N N 98  
DA  "H4'"  H  N N 99  
DA  "H3'"  H  N N 100 
DA  "HO3'" H  N N 101 
DA  "H2'"  H  N N 102 
DA  "H2''" H  N N 103 
DA  "H1'"  H  N N 104 
DA  H8     H  N N 105 
DA  H61    H  N N 106 
DA  H62    H  N N 107 
DA  H2     H  N N 108 
G   OP3    O  N N 109 
G   P      P  N N 110 
G   OP1    O  N N 111 
G   OP2    O  N N 112 
G   "O5'"  O  N N 113 
G   "C5'"  C  N N 114 
G   "C4'"  C  N R 115 
G   "O4'"  O  N N 116 
G   "C3'"  C  N S 117 
G   "O3'"  O  N N 118 
G   "C2'"  C  N R 119 
G   "O2'"  O  N N 120 
G   "C1'"  C  N R 121 
G   N9     N  Y N 122 
G   C8     C  Y N 123 
G   N7     N  Y N 124 
G   C5     C  Y N 125 
G   C6     C  N N 126 
G   O6     O  N N 127 
G   N1     N  N N 128 
G   C2     C  N N 129 
G   N2     N  N N 130 
G   N3     N  N N 131 
G   C4     C  Y N 132 
G   HOP3   H  N N 133 
G   HOP2   H  N N 134 
G   "H5'"  H  N N 135 
G   "H5''" H  N N 136 
G   "H4'"  H  N N 137 
G   "H3'"  H  N N 138 
G   "HO3'" H  N N 139 
G   "H2'"  H  N N 140 
G   "HO2'" H  N N 141 
G   "H1'"  H  N N 142 
G   H8     H  N N 143 
G   H1     H  N N 144 
G   H21    H  N N 145 
G   H22    H  N N 146 
HOH O      O  N N 147 
HOH H1     H  N N 148 
HOH H2     H  N N 149 
MG  MG     MG N N 150 
U   OP3    O  N N 151 
U   P      P  N N 152 
U   OP1    O  N N 153 
U   OP2    O  N N 154 
U   "O5'"  O  N N 155 
U   "C5'"  C  N N 156 
U   "C4'"  C  N R 157 
U   "O4'"  O  N N 158 
U   "C3'"  C  N S 159 
U   "O3'"  O  N N 160 
U   "C2'"  C  N R 161 
U   "O2'"  O  N N 162 
U   "C1'"  C  N R 163 
U   N1     N  N N 164 
U   C2     C  N N 165 
U   O2     O  N N 166 
U   N3     N  N N 167 
U   C4     C  N N 168 
U   O4     O  N N 169 
U   C5     C  N N 170 
U   C6     C  N N 171 
U   HOP3   H  N N 172 
U   HOP2   H  N N 173 
U   "H5'"  H  N N 174 
U   "H5''" H  N N 175 
U   "H4'"  H  N N 176 
U   "H3'"  H  N N 177 
U   "HO3'" H  N N 178 
U   "H2'"  H  N N 179 
U   "HO2'" H  N N 180 
U   "H1'"  H  N N 181 
U   H3     H  N N 182 
U   H5     H  N N 183 
U   H6     H  N N 184 
# 
loop_
_chem_comp_bond.comp_id 
_chem_comp_bond.atom_id_1 
_chem_comp_bond.atom_id_2 
_chem_comp_bond.value_order 
_chem_comp_bond.pdbx_aromatic_flag 
_chem_comp_bond.pdbx_stereo_config 
_chem_comp_bond.pdbx_ordinal 
A   OP3   P      sing N N 1   
A   OP3   HOP3   sing N N 2   
A   P     OP1    doub N N 3   
A   P     OP2    sing N N 4   
A   P     "O5'"  sing N N 5   
A   OP2   HOP2   sing N N 6   
A   "O5'" "C5'"  sing N N 7   
A   "C5'" "C4'"  sing N N 8   
A   "C5'" "H5'"  sing N N 9   
A   "C5'" "H5''" sing N N 10  
A   "C4'" "O4'"  sing N N 11  
A   "C4'" "C3'"  sing N N 12  
A   "C4'" "H4'"  sing N N 13  
A   "O4'" "C1'"  sing N N 14  
A   "C3'" "O3'"  sing N N 15  
A   "C3'" "C2'"  sing N N 16  
A   "C3'" "H3'"  sing N N 17  
A   "O3'" "HO3'" sing N N 18  
A   "C2'" "O2'"  sing N N 19  
A   "C2'" "C1'"  sing N N 20  
A   "C2'" "H2'"  sing N N 21  
A   "O2'" "HO2'" sing N N 22  
A   "C1'" N9     sing N N 23  
A   "C1'" "H1'"  sing N N 24  
A   N9    C8     sing Y N 25  
A   N9    C4     sing Y N 26  
A   C8    N7     doub Y N 27  
A   C8    H8     sing N N 28  
A   N7    C5     sing Y N 29  
A   C5    C6     sing Y N 30  
A   C5    C4     doub Y N 31  
A   C6    N6     sing N N 32  
A   C6    N1     doub Y N 33  
A   N6    H61    sing N N 34  
A   N6    H62    sing N N 35  
A   N1    C2     sing Y N 36  
A   C2    N3     doub Y N 37  
A   C2    H2     sing N N 38  
A   N3    C4     sing Y N 39  
C   OP3   P      sing N N 40  
C   OP3   HOP3   sing N N 41  
C   P     OP1    doub N N 42  
C   P     OP2    sing N N 43  
C   P     "O5'"  sing N N 44  
C   OP2   HOP2   sing N N 45  
C   "O5'" "C5'"  sing N N 46  
C   "C5'" "C4'"  sing N N 47  
C   "C5'" "H5'"  sing N N 48  
C   "C5'" "H5''" sing N N 49  
C   "C4'" "O4'"  sing N N 50  
C   "C4'" "C3'"  sing N N 51  
C   "C4'" "H4'"  sing N N 52  
C   "O4'" "C1'"  sing N N 53  
C   "C3'" "O3'"  sing N N 54  
C   "C3'" "C2'"  sing N N 55  
C   "C3'" "H3'"  sing N N 56  
C   "O3'" "HO3'" sing N N 57  
C   "C2'" "O2'"  sing N N 58  
C   "C2'" "C1'"  sing N N 59  
C   "C2'" "H2'"  sing N N 60  
C   "O2'" "HO2'" sing N N 61  
C   "C1'" N1     sing N N 62  
C   "C1'" "H1'"  sing N N 63  
C   N1    C2     sing N N 64  
C   N1    C6     sing N N 65  
C   C2    O2     doub N N 66  
C   C2    N3     sing N N 67  
C   N3    C4     doub N N 68  
C   C4    N4     sing N N 69  
C   C4    C5     sing N N 70  
C   N4    H41    sing N N 71  
C   N4    H42    sing N N 72  
C   C5    C6     doub N N 73  
C   C5    H5     sing N N 74  
C   C6    H6     sing N N 75  
DA  OP3   P      sing N N 76  
DA  OP3   HOP3   sing N N 77  
DA  P     OP1    doub N N 78  
DA  P     OP2    sing N N 79  
DA  P     "O5'"  sing N N 80  
DA  OP2   HOP2   sing N N 81  
DA  "O5'" "C5'"  sing N N 82  
DA  "C5'" "C4'"  sing N N 83  
DA  "C5'" "H5'"  sing N N 84  
DA  "C5'" "H5''" sing N N 85  
DA  "C4'" "O4'"  sing N N 86  
DA  "C4'" "C3'"  sing N N 87  
DA  "C4'" "H4'"  sing N N 88  
DA  "O4'" "C1'"  sing N N 89  
DA  "C3'" "O3'"  sing N N 90  
DA  "C3'" "C2'"  sing N N 91  
DA  "C3'" "H3'"  sing N N 92  
DA  "O3'" "HO3'" sing N N 93  
DA  "C2'" "C1'"  sing N N 94  
DA  "C2'" "H2'"  sing N N 95  
DA  "C2'" "H2''" sing N N 96  
DA  "C1'" N9     sing N N 97  
DA  "C1'" "H1'"  sing N N 98  
DA  N9    C8     sing Y N 99  
DA  N9    C4     sing Y N 100 
DA  C8    N7     doub Y N 101 
DA  C8    H8     sing N N 102 
DA  N7    C5     sing Y N 103 
DA  C5    C6     sing Y N 104 
DA  C5    C4     doub Y N 105 
DA  C6    N6     sing N N 106 
DA  C6    N1     doub Y N 107 
DA  N6    H61    sing N N 108 
DA  N6    H62    sing N N 109 
DA  N1    C2     sing Y N 110 
DA  C2    N3     doub Y N 111 
DA  C2    H2     sing N N 112 
DA  N3    C4     sing Y N 113 
G   OP3   P      sing N N 114 
G   OP3   HOP3   sing N N 115 
G   P     OP1    doub N N 116 
G   P     OP2    sing N N 117 
G   P     "O5'"  sing N N 118 
G   OP2   HOP2   sing N N 119 
G   "O5'" "C5'"  sing N N 120 
G   "C5'" "C4'"  sing N N 121 
G   "C5'" "H5'"  sing N N 122 
G   "C5'" "H5''" sing N N 123 
G   "C4'" "O4'"  sing N N 124 
G   "C4'" "C3'"  sing N N 125 
G   "C4'" "H4'"  sing N N 126 
G   "O4'" "C1'"  sing N N 127 
G   "C3'" "O3'"  sing N N 128 
G   "C3'" "C2'"  sing N N 129 
G   "C3'" "H3'"  sing N N 130 
G   "O3'" "HO3'" sing N N 131 
G   "C2'" "O2'"  sing N N 132 
G   "C2'" "C1'"  sing N N 133 
G   "C2'" "H2'"  sing N N 134 
G   "O2'" "HO2'" sing N N 135 
G   "C1'" N9     sing N N 136 
G   "C1'" "H1'"  sing N N 137 
G   N9    C8     sing Y N 138 
G   N9    C4     sing Y N 139 
G   C8    N7     doub Y N 140 
G   C8    H8     sing N N 141 
G   N7    C5     sing Y N 142 
G   C5    C6     sing N N 143 
G   C5    C4     doub Y N 144 
G   C6    O6     doub N N 145 
G   C6    N1     sing N N 146 
G   N1    C2     sing N N 147 
G   N1    H1     sing N N 148 
G   C2    N2     sing N N 149 
G   C2    N3     doub N N 150 
G   N2    H21    sing N N 151 
G   N2    H22    sing N N 152 
G   N3    C4     sing N N 153 
HOH O     H1     sing N N 154 
HOH O     H2     sing N N 155 
U   OP3   P      sing N N 156 
U   OP3   HOP3   sing N N 157 
U   P     OP1    doub N N 158 
U   P     OP2    sing N N 159 
U   P     "O5'"  sing N N 160 
U   OP2   HOP2   sing N N 161 
U   "O5'" "C5'"  sing N N 162 
U   "C5'" "C4'"  sing N N 163 
U   "C5'" "H5'"  sing N N 164 
U   "C5'" "H5''" sing N N 165 
U   "C4'" "O4'"  sing N N 166 
U   "C4'" "C3'"  sing N N 167 
U   "C4'" "H4'"  sing N N 168 
U   "O4'" "C1'"  sing N N 169 
U   "C3'" "O3'"  sing N N 170 
U   "C3'" "C2'"  sing N N 171 
U   "C3'" "H3'"  sing N N 172 
U   "O3'" "HO3'" sing N N 173 
U   "C2'" "O2'"  sing N N 174 
U   "C2'" "C1'"  sing N N 175 
U   "C2'" "H2'"  sing N N 176 
U   "O2'" "HO2'" sing N N 177 
U   "C1'" N1     sing N N 178 
U   "C1'" "H1'"  sing N N 179 
U   N1    C2     sing N N 180 
U   N1    C6     sing N N 181 
U   C2    O2     doub N N 182 
U   C2    N3     sing N N 183 
U   N3    C4     sing N N 184 
U   N3    H3     sing N N 185 
U   C4    O4     doub N N 186 
U   C4    C5     sing N N 187 
U   C5    C6     doub N N 188 
U   C5    H5     sing N N 189 
U   C6    H6     sing N N 190 
# 
_ndb_struct_conf_na.entry_id   9OKT 
_ndb_struct_conf_na.feature    'a-form double helix' 
# 
loop_
_ndb_struct_na_base_pair.model_number 
_ndb_struct_na_base_pair.i_label_asym_id 
_ndb_struct_na_base_pair.i_label_comp_id 
_ndb_struct_na_base_pair.i_label_seq_id 
_ndb_struct_na_base_pair.i_symmetry 
_ndb_struct_na_base_pair.j_label_asym_id 
_ndb_struct_na_base_pair.j_label_comp_id 
_ndb_struct_na_base_pair.j_label_seq_id 
_ndb_struct_na_base_pair.j_symmetry 
_ndb_struct_na_base_pair.shear 
_ndb_struct_na_base_pair.stretch 
_ndb_struct_na_base_pair.stagger 
_ndb_struct_na_base_pair.buckle 
_ndb_struct_na_base_pair.propeller 
_ndb_struct_na_base_pair.opening 
_ndb_struct_na_base_pair.pair_number 
_ndb_struct_na_base_pair.pair_name 
_ndb_struct_na_base_pair.i_auth_asym_id 
_ndb_struct_na_base_pair.i_auth_seq_id 
_ndb_struct_na_base_pair.i_PDB_ins_code 
_ndb_struct_na_base_pair.j_auth_asym_id 
_ndb_struct_na_base_pair.j_auth_seq_id 
_ndb_struct_na_base_pair.j_PDB_ins_code 
_ndb_struct_na_base_pair.hbond_type_28 
_ndb_struct_na_base_pair.hbond_type_12 
1 A A  1  1_555 A U  16 4_555 -0.029 -0.135 0.124  1.296  -10.241 0.660  1  A_A1:U16_A A 1  ? A 16 ? 20 1 
1 A G  2  1_555 A C  15 4_555 -0.266 -0.208 -0.080 -3.814 -15.817 -1.201 2  A_G2:C15_A A 2  ? A 15 ? 19 1 
1 A A  3  1_555 A U  14 4_555 0.037  -0.133 0.028  -4.126 -13.123 1.871  3  A_A3:U14_A A 3  ? A 14 ? 20 1 
1 A G  4  1_555 A C  13 4_555 -0.411 -0.165 -0.125 -1.516 -10.130 -0.277 4  A_G4:C13_A A 4  ? A 13 ? 19 1 
1 A A  5  1_555 A U  12 4_555 0.122  -0.216 -0.057 -2.716 -8.284  0.870  5  A_A5:U12_A A 5  ? A 12 ? 20 1 
1 A A  6  1_555 A U  11 4_555 -0.109 0.000  -0.024 -8.180 -14.536 4.757  6  A_A6:U11_A A 6  ? A 11 ? 20 1 
1 A G  7  1_555 A C  10 4_555 -0.161 -0.148 0.170  -0.462 -9.453  -0.165 7  A_G7:C10_A A 7  ? A 10 ? 19 1 
1 A DA 8  1_555 A U  9  4_555 0.036  -0.155 -0.091 -0.310 -13.762 -0.424 8  A_DA8:U9_A A 8  ? A 9  ? 20 1 
1 A U  9  1_555 A DA 8  4_555 -0.036 -0.155 -0.091 0.310  -13.762 -0.424 9  A_U9:DA8_A A 9  ? A 8  ? 20 1 
1 A C  10 1_555 A G  7  4_555 0.161  -0.148 0.170  0.462  -9.453  -0.165 10 A_C10:G7_A A 10 ? A 7  ? 19 1 
1 A U  11 1_555 A A  6  4_555 0.109  0.000  -0.024 8.180  -14.536 4.757  11 A_U11:A6_A A 11 ? A 6  ? 20 1 
1 A U  12 1_555 A A  5  4_555 -0.122 -0.216 -0.057 2.716  -8.284  0.870  12 A_U12:A5_A A 12 ? A 5  ? 20 1 
1 A C  13 1_555 A G  4  4_555 0.411  -0.165 -0.125 1.516  -10.130 -0.277 13 A_C13:G4_A A 13 ? A 4  ? 19 1 
1 A U  14 1_555 A A  3  4_555 -0.037 -0.133 0.028  4.126  -13.123 1.871  14 A_U14:A3_A A 14 ? A 3  ? 20 1 
1 A C  15 1_555 A G  2  4_555 0.266  -0.208 -0.080 3.814  -15.817 -1.201 15 A_C15:G2_A A 15 ? A 2  ? 19 1 
1 A U  16 1_555 A A  1  4_555 0.029  -0.135 0.124  -1.296 -10.241 0.660  16 A_U16:A1_A A 16 ? A 1  ? 20 1 
# 
loop_
_ndb_struct_na_base_pair_step.model_number 
_ndb_struct_na_base_pair_step.i_label_asym_id_1 
_ndb_struct_na_base_pair_step.i_label_comp_id_1 
_ndb_struct_na_base_pair_step.i_label_seq_id_1 
_ndb_struct_na_base_pair_step.i_symmetry_1 
_ndb_struct_na_base_pair_step.j_label_asym_id_1 
_ndb_struct_na_base_pair_step.j_label_comp_id_1 
_ndb_struct_na_base_pair_step.j_label_seq_id_1 
_ndb_struct_na_base_pair_step.j_symmetry_1 
_ndb_struct_na_base_pair_step.i_label_asym_id_2 
_ndb_struct_na_base_pair_step.i_label_comp_id_2 
_ndb_struct_na_base_pair_step.i_label_seq_id_2 
_ndb_struct_na_base_pair_step.i_symmetry_2 
_ndb_struct_na_base_pair_step.j_label_asym_id_2 
_ndb_struct_na_base_pair_step.j_label_comp_id_2 
_ndb_struct_na_base_pair_step.j_label_seq_id_2 
_ndb_struct_na_base_pair_step.j_symmetry_2 
_ndb_struct_na_base_pair_step.shift 
_ndb_struct_na_base_pair_step.slide 
_ndb_struct_na_base_pair_step.rise 
_ndb_struct_na_base_pair_step.tilt 
_ndb_struct_na_base_pair_step.roll 
_ndb_struct_na_base_pair_step.twist 
_ndb_struct_na_base_pair_step.x_displacement 
_ndb_struct_na_base_pair_step.y_displacement 
_ndb_struct_na_base_pair_step.helical_rise 
_ndb_struct_na_base_pair_step.inclination 
_ndb_struct_na_base_pair_step.tip 
_ndb_struct_na_base_pair_step.helical_twist 
_ndb_struct_na_base_pair_step.step_number 
_ndb_struct_na_base_pair_step.step_name 
_ndb_struct_na_base_pair_step.i_auth_asym_id_1 
_ndb_struct_na_base_pair_step.i_auth_seq_id_1 
_ndb_struct_na_base_pair_step.i_PDB_ins_code_1 
_ndb_struct_na_base_pair_step.j_auth_asym_id_1 
_ndb_struct_na_base_pair_step.j_auth_seq_id_1 
_ndb_struct_na_base_pair_step.j_PDB_ins_code_1 
_ndb_struct_na_base_pair_step.i_auth_asym_id_2 
_ndb_struct_na_base_pair_step.i_auth_seq_id_2 
_ndb_struct_na_base_pair_step.i_PDB_ins_code_2 
_ndb_struct_na_base_pair_step.j_auth_asym_id_2 
_ndb_struct_na_base_pair_step.j_auth_seq_id_2 
_ndb_struct_na_base_pair_step.j_PDB_ins_code_2 
1 A A  1  1_555 A U  16 4_555 A G  2  1_555 A C  15 4_555 -0.595 -1.111 3.304 -0.631 7.379  33.541 -3.011 0.912  3.010 12.595 
1.077  34.326 1  AA_A1G2:C15U16_AA A 1  ? A 16 ? A 2  ? A 15 ? 
1 A G  2  1_555 A C  15 4_555 A A  3  1_555 A U  14 4_555 0.681  -1.155 3.203 0.413  5.178  33.966 -2.729 -1.092 3.007 8.800  
-0.701 34.349 2  AA_G2A3:U14C15_AA A 2  ? A 15 ? A 3  ? A 14 ? 
1 A A  3  1_555 A U  14 4_555 A G  4  1_555 A C  13 4_555 -0.400 -1.400 3.142 -1.157 11.306 31.233 -4.144 0.527  2.510 20.180 
2.066  33.188 3  AA_A3G4:C13U14_AA A 3  ? A 14 ? A 4  ? A 13 ? 
1 A G  4  1_555 A C  13 4_555 A A  5  1_555 A U  12 4_555 0.315  -1.529 3.316 -0.640 10.810 30.916 -4.465 -0.662 2.640 19.541 
1.157  32.714 4  AA_G4A5:U12C13_AA A 4  ? A 13 ? A 5  ? A 12 ? 
1 A A  5  1_555 A U  12 4_555 A A  6  1_555 A U  11 4_555 1.016  -1.694 3.330 4.352  15.029 31.675 -4.874 -1.077 2.421 25.668 
-7.433 35.240 5  AA_A5A6:U11U12_AA A 5  ? A 12 ? A 6  ? A 11 ? 
1 A A  6  1_555 A U  11 4_555 A G  7  1_555 A C  10 4_555 -0.494 -2.130 2.957 -1.647 8.228  24.945 -6.465 0.729  2.182 18.396 
3.682  26.297 6  AA_A6G7:C10U11_AA A 6  ? A 11 ? A 7  ? A 10 ? 
1 A G  7  1_555 A C  10 4_555 A DA 8  1_555 A U  9  4_555 -0.585 -1.564 3.215 0.367  6.483  33.694 -3.607 1.046  2.867 11.056 
-0.625 34.296 7  AA_G7DA8:U9C10_AA A 7  ? A 10 ? A 8  ? A 9  ? 
1 A DA 8  1_555 A U  9  4_555 A U  9  1_555 A DA 8  4_555 0.000  -1.143 3.180 0.000  7.720  31.638 -3.296 0.000  2.830 13.902 
0.000  32.542 8  AA_DA8U9:DA8U9_AA A 8  ? A 9  ? A 9  ? A 8  ? 
1 A U  9  1_555 A DA 8  4_555 A C  10 1_555 A G  7  4_555 0.585  -1.564 3.215 -0.367 6.483  33.694 -3.607 -1.046 2.867 11.056 
0.625  34.296 9  AA_U9C10:G7DA8_AA A 9  ? A 8  ? A 10 ? A 7  ? 
1 A C  10 1_555 A G  7  4_555 A U  11 1_555 A A  6  4_555 0.494  -2.130 2.957 1.647  8.228  24.945 -6.465 -0.729 2.182 18.396 
-3.682 26.297 10 AA_C10U11:A6G7_AA A 10 ? A 7  ? A 11 ? A 6  ? 
1 A U  11 1_555 A A  6  4_555 A U  12 1_555 A A  5  4_555 -1.016 -1.694 3.330 -4.352 15.029 31.675 -4.874 1.077  2.421 25.668 
7.433  35.240 11 AA_U11U12:A5A6_AA A 11 ? A 6  ? A 12 ? A 5  ? 
1 A U  12 1_555 A A  5  4_555 A C  13 1_555 A G  4  4_555 -0.315 -1.529 3.316 0.640  10.810 30.916 -4.465 0.662  2.640 19.541 
-1.157 32.714 12 AA_U12C13:G4A5_AA A 12 ? A 5  ? A 13 ? A 4  ? 
1 A C  13 1_555 A G  4  4_555 A U  14 1_555 A A  3  4_555 0.400  -1.400 3.142 1.157  11.306 31.233 -4.144 -0.527 2.510 20.180 
-2.066 33.188 13 AA_C13U14:A3G4_AA A 13 ? A 4  ? A 14 ? A 3  ? 
1 A U  14 1_555 A A  3  4_555 A C  15 1_555 A G  2  4_555 -0.681 -1.155 3.203 -0.413 5.178  33.966 -2.729 1.092  3.007 8.800  
0.701  34.349 14 AA_U14C15:G2A3_AA A 14 ? A 3  ? A 15 ? A 2  ? 
1 A C  15 1_555 A G  2  4_555 A U  16 1_555 A A  1  4_555 0.595  -1.111 3.304 0.631  7.379  33.541 -3.011 -0.912 3.010 12.595 
-1.077 34.326 15 AA_C15U16:A1G2_AA A 15 ? A 2  ? A 16 ? A 1  ? 
# 
loop_
_pdbx_audit_support.funding_organization 
_pdbx_audit_support.country 
_pdbx_audit_support.grant_number 
_pdbx_audit_support.ordinal 
'National Science Foundation (NSF, United States)' 'United States' 2104708 1 
'Howard Hughes Medical Institute (HHMI)'           'United States' ?       2 
# 
_pdbx_initial_refinement_model.id               1 
_pdbx_initial_refinement_model.entity_id_list   ? 
_pdbx_initial_refinement_model.type             'experimental model' 
_pdbx_initial_refinement_model.source_name      PDB 
_pdbx_initial_refinement_model.accession_code   3ND4 
_pdbx_initial_refinement_model.details          ? 
# 
_atom_sites.entry_id                    9OKT 
_atom_sites.Cartn_transf_matrix[1][1]   ? 
_atom_sites.Cartn_transf_matrix[1][2]   ? 
_atom_sites.Cartn_transf_matrix[1][3]   ? 
_atom_sites.Cartn_transf_matrix[2][1]   ? 
_atom_sites.Cartn_transf_matrix[2][2]   ? 
_atom_sites.Cartn_transf_matrix[2][3]   ? 
_atom_sites.Cartn_transf_matrix[3][1]   ? 
_atom_sites.Cartn_transf_matrix[3][2]   ? 
_atom_sites.Cartn_transf_matrix[3][3]   ? 
_atom_sites.Cartn_transf_vector[1]      ? 
_atom_sites.Cartn_transf_vector[2]      ? 
_atom_sites.Cartn_transf_vector[3]      ? 
_atom_sites.Cartn_transform_axes        ? 
_atom_sites.fract_transf_matrix[1][1]   0.01928710 
_atom_sites.fract_transf_matrix[1][2]   0.01716110 
_atom_sites.fract_transf_matrix[1][3]   0.01124617 
_atom_sites.fract_transf_matrix[2][1]   0.02353959 
_atom_sites.fract_transf_matrix[2][2]   -0.01067512 
_atom_sites.fract_transf_matrix[2][3]   0.01117403 
_atom_sites.fract_transf_matrix[3][1]   0.00367838 
_atom_sites.fract_transf_matrix[3][2]   0.00058058 
_atom_sites.fract_transf_matrix[3][3]   -0.00719435 
_atom_sites.fract_transf_vector[1]      0.412862 
_atom_sites.fract_transf_vector[2]      0.437499 
_atom_sites.fract_transf_vector[3]      -0.014886 
_atom_sites.solution_primary            ? 
_atom_sites.solution_secondary          ? 
_atom_sites.solution_hydrogens          ? 
_atom_sites.special_details             ? 
# 
loop_
_atom_type.symbol 
_atom_type.pdbx_scat_Z 
_atom_type.pdbx_N_electrons 
_atom_type.scat_Cromer_Mann_a1 
_atom_type.scat_Cromer_Mann_b1 
_atom_type.scat_Cromer_Mann_a2 
_atom_type.scat_Cromer_Mann_b2 
_atom_type.scat_Cromer_Mann_a3 
_atom_type.scat_Cromer_Mann_b3 
_atom_type.scat_Cromer_Mann_a4 
_atom_type.scat_Cromer_Mann_b4 
_atom_type.scat_Cromer_Mann_c 
C  6  6  2.3103  20.8439 1.0201 10.2075 1.5888 0.5687  0.8651 51.6512 0.2156   
H  1  1  0.4930  10.5109 0.3229 26.1257 0.1402 3.1424  0.0408 57.7997 0.0030   
MG 12 12 5.4265  2.8275  2.1759 79.2611 1.2283 0.3808  2.3099 7.1937  0.8594   
N  7  7  12.2220 0.0057  3.1346 9.8933  2.0141 28.9975 1.1672 0.5826  -11.5379 
O  8  8  3.0487  13.2771 2.2870 5.7011  1.5464 0.3239  0.8671 32.9089 0.2508   
P  15 15 6.4348  1.9067  4.1793 27.1570 1.7801 0.5260  1.4909 68.1645 1.1150   
# 
loop_
_atom_site.group_PDB 
_atom_site.id 
_atom_site.type_symbol 
_atom_site.label_atom_id 
_atom_site.label_alt_id 
_atom_site.label_comp_id 
_atom_site.label_asym_id 
_atom_site.label_entity_id 
_atom_site.label_seq_id 
_atom_site.pdbx_PDB_ins_code 
_atom_site.Cartn_x 
_atom_site.Cartn_y 
_atom_site.Cartn_z 
_atom_site.occupancy 
_atom_site.B_iso_or_equiv 
_atom_site.pdbx_formal_charge 
_atom_site.auth_seq_id 
_atom_site.auth_comp_id 
_atom_site.auth_asym_id 
_atom_site.auth_atom_id 
_atom_site.pdbx_PDB_model_num 
_atom_site.calc_flag 
ATOM   1   O  "O5'" . A   A 1 1  ? 3.548   -4.030  -18.305 1.000 19.304 0 1   A   A "O5'" 1 ? 
ATOM   2   C  "C5'" . A   A 1 1  ? 3.635   -5.449  -18.298 1.000 15.583 0 1   A   A "C5'" 1 ? 
ATOM   3   C  "C4'" . A   A 1 1  ? 5.067   -5.915  -18.213 1.000 13.491 0 1   A   A "C4'" 1 ? 
ATOM   4   O  "O4'" . A   A 1 1  ? 5.868   -5.359  -19.281 1.000 12.000 0 1   A   A "O4'" 1 ? 
ATOM   5   C  "C3'" . A   A 1 1  ? 5.818   -5.487  -16.960 1.000 12.643 0 1   A   A "C3'" 1 ? 
ATOM   6   O  "O3'" . A   A 1 1  ? 5.552   -6.409  -15.936 1.000 13.922 0 1   A   A "O3'" 1 ? 
ATOM   7   C  "C2'" . A   A 1 1  ? 7.263   -5.632  -17.415 1.000 11.859 0 1   A   A "C2'" 1 ? 
ATOM   8   O  "O2'" . A   A 1 1  ? 7.701   -6.971  -17.519 1.000 11.911 0 1   A   A "O2'" 1 ? 
ATOM   9   C  "C1'" . A   A 1 1  ? 7.147   -5.001  -18.786 1.000 10.368 0 1   A   A "C1'" 1 ? 
ATOM   10  N  N9    . A   A 1 1  ? 7.271   -3.565  -18.865 1.000 10.091 0 1   A   A N9    1 ? 
ATOM   11  C  C8    . A   A 1 1  ? 6.300   -2.634  -19.161 1.000 10.611 0 1   A   A C8    1 ? 
ATOM   12  N  N7    . A   A 1 1  ? 6.739   -1.416  -19.258 1.000 11.450 0 1   A   A N7    1 ? 
ATOM   13  C  C5    . A   A 1 1  ? 8.112   -1.560  -19.042 1.000 9.921  0 1   A   A C5    1 ? 
ATOM   14  C  C6    . A   A 1 1  ? 9.144   -0.622  -19.105 1.000 9.991  0 1   A   A C6    1 ? 
ATOM   15  N  N6    . A   A 1 1  ? 8.997   0.657   -19.387 1.000 10.218 0 1   A   A N6    1 ? 
ATOM   16  N  N1    . A   A 1 1  ? 10.389  -1.053  -18.851 1.000 10.307 0 1   A   A N1    1 ? 
ATOM   17  C  C2    . A   A 1 1  ? 10.587  -2.342  -18.587 1.000 10.092 0 1   A   A C2    1 ? 
ATOM   18  N  N3    . A   A 1 1  ? 9.707   -3.335  -18.533 1.000 9.955  0 1   A   A N3    1 ? 
ATOM   19  C  C4    . A   A 1 1  ? 8.461   -2.871  -18.800 1.000 9.839  0 1   A   A C4    1 ? 
ATOM   20  P  P     . G   A 1 2  ? 5.557   -5.968  -14.402 1.000 13.191 0 2   G   A P     1 ? 
ATOM   21  O  OP1   . G   A 1 2  ? 5.020   -7.110  -13.597 1.000 15.654 0 2   G   A OP1   1 ? 
ATOM   22  O  OP2   . G   A 1 2  ? 4.946   -4.629  -14.330 1.000 14.055 0 2   G   A OP2   1 ? 
ATOM   23  O  "O5'" . G   A 1 2  ? 7.098   -5.795  -14.066 1.000 12.370 0 2   G   A "O5'" 1 ? 
ATOM   24  C  "C5'" . G   A 1 2  ? 7.947   -6.930  -13.984 1.000 12.434 0 2   G   A "C5'" 1 ? 
ATOM   25  C  "C4'" . G   A 1 2  ? 9.362   -6.456  -13.746 1.000 12.802 0 2   G   A "C4'" 1 ? 
ATOM   26  O  "O4'" . G   A 1 2  ? 9.813   -5.771  -14.940 1.000 12.035 0 2   G   A "O4'" 1 ? 
ATOM   27  C  "C3'" . G   A 1 2  ? 9.538   -5.406  -12.644 1.000 12.229 0 2   G   A "C3'" 1 ? 
ATOM   28  O  "O3'" . G   A 1 2  ? 9.542   -5.988  -11.359 1.000 13.980 0 2   G   A "O3'" 1 ? 
ATOM   29  C  "C2'" . G   A 1 2  ? 10.874  -4.816  -13.054 1.000 11.918 0 2   G   A "C2'" 1 ? 
ATOM   30  O  "O2'" . G   A 1 2  ? 11.961  -5.650  -12.772 1.000 12.608 0 2   G   A "O2'" 1 ? 
ATOM   31  C  "C1'" . G   A 1 2  ? 10.668  -4.691  -14.557 1.000 10.597 0 2   G   A "C1'" 1 ? 
ATOM   32  N  N9    . G   A 1 2  ? 10.024  -3.456  -14.918 1.000 10.046 0 2   G   A N9    1 ? 
ATOM   33  C  C8    . G   A 1 2  ? 8.709   -3.212  -15.200 1.000 9.341  0 2   G   A C8    1 ? 
ATOM   34  N  N7    . G   A 1 2  ? 8.428   -1.978  -15.515 1.000 9.565  0 2   G   A N7    1 ? 
ATOM   35  C  C5    . G   A 1 2  ? 9.665   -1.351  -15.456 1.000 9.148  0 2   G   A C5    1 ? 
ATOM   36  C  C6    . G   A 1 2  ? 9.990   -0.016  -15.733 1.000 8.714  0 2   G   A C6    1 ? 
ATOM   37  O  O6    . G   A 1 2  ? 9.278   0.892   -16.142 1.000 9.788  0 2   G   A O6    1 ? 
ATOM   38  N  N1    . G   A 1 2  ? 11.337  0.218   -15.519 1.000 9.016  0 2   G   A N1    1 ? 
ATOM   39  C  C2    . G   A 1 2  ? 12.262  -0.709  -15.080 1.000 8.297  0 2   G   A C2    1 ? 
ATOM   40  N  N2    . G   A 1 2  ? 13.501  -0.243  -14.866 1.000 8.956  0 2   G   A N2    1 ? 
ATOM   41  N  N3    . G   A 1 2  ? 11.961  -1.993  -14.873 1.000 9.454  0 2   G   A N3    1 ? 
ATOM   42  C  C4    . G   A 1 2  ? 10.647  -2.236  -15.087 1.000 9.189  0 2   G   A C4    1 ? 
ATOM   43  P  P     . A   A 1 3  ? 9.018   -5.153  -10.107 1.000 14.049 0 3   A   A P     1 ? 
ATOM   44  O  OP1   . A   A 1 3  ? 9.179   -6.158  -9.018  1.000 17.059 0 3   A   A OP1   1 ? 
ATOM   45  O  OP2   . A   A 1 3  ? 7.768   -4.447  -10.329 1.000 14.442 0 3   A   A OP2   1 ? 
ATOM   46  O  "O5'" . A   A 1 3  ? 10.134  -3.999  -9.953  1.000 11.767 0 3   A   A "O5'" 1 ? 
ATOM   47  C  "C5'" . A   A 1 3  ? 11.488  -4.355  -9.670  1.000 11.900 0 3   A   A "C5'" 1 ? 
ATOM   48  C  "C4'" . A   A 1 3  ? 12.336  -3.113  -9.800  1.000 11.547 0 3   A   A "C4'" 1 ? 
ATOM   49  O  "O4'" . A   A 1 3  ? 12.237  -2.608  -11.155 1.000 10.456 0 3   A   A "O4'" 1 ? 
ATOM   50  C  "C3'" . A   A 1 3  ? 11.884  -1.920  -8.973  1.000 11.702 0 3   A   A "C3'" 1 ? 
ATOM   51  O  "O3'" . A   A 1 3  ? 12.327  -2.087  -7.640  1.000 11.314 0 3   A   A "O3'" 1 ? 
ATOM   52  C  "C2'" . A   A 1 3  ? 12.593  -0.789  -9.706  1.000 10.706 0 3   A   A "C2'" 1 ? 
ATOM   53  O  "O2'" . A   A 1 3  ? 13.978  -0.779  -9.422  1.000 12.121 0 3   A   A "O2'" 1 ? 
ATOM   54  C  "C1'" . A   A 1 3  ? 12.327  -1.202  -11.152 1.000 9.212  0 3   A   A "C1'" 1 ? 
ATOM   55  N  N9    . A   A 1 3  ? 11.080  -0.678  -11.663 1.000 9.831  0 3   A   A N9    1 ? 
ATOM   56  C  C8    . A   A 1 3  ? 9.870   -1.277  -11.825 1.000 9.344  0 3   A   A C8    1 ? 
ATOM   57  N  N7    . A   A 1 3  ? 8.954   -0.495  -12.314 1.000 10.042 0 3   A   A N7    1 ? 
ATOM   58  C  C5    . A   A 1 3  ? 9.621   0.694   -12.558 1.000 9.380  0 3   A   A C5    1 ? 
ATOM   59  C  C6    . A   A 1 3  ? 9.209   1.928   -13.085 1.000 9.071  0 3   A   A C6    1 ? 
ATOM   60  N  N6    . A   A 1 3  ? 8.012   2.159   -13.580 1.000 9.212  0 3   A   A N6    1 ? 
ATOM   61  N  N1    . A   A 1 3  ? 10.129  2.913   -13.154 1.000 9.920  0 3   A   A N1    1 ? 
ATOM   62  C  C2    . A   A 1 3  ? 11.357  2.677   -12.725 1.000 10.024 0 3   A   A C2    1 ? 
ATOM   63  N  N3    . A   A 1 3  ? 11.868  1.546   -12.236 1.000 9.527  0 3   A   A N3    1 ? 
ATOM   64  C  C4    . A   A 1 3  ? 10.915  0.604   -12.136 1.000 9.588  0 3   A   A C4    1 ? 
ATOM   65  P  P     . G   A 1 4  ? 11.551  -1.335  -6.471  1.000 13.417 0 4   G   A P     1 ? 
ATOM   66  O  OP1   . G   A 1 4  ? 12.134  -1.920  -5.215  1.000 16.915 0 4   G   A OP1   1 ? 
ATOM   67  O  OP2   . G   A 1 4  ? 10.095  -1.346  -6.720  1.000 15.055 0 4   G   A OP2   1 ? 
ATOM   68  O  "O5'" . G   A 1 4  ? 11.964  0.197   -6.624  1.000 12.152 0 4   G   A "O5'" 1 ? 
ATOM   69  C  "C5'" . G   A 1 4  ? 13.302  0.602   -6.318  1.000 11.740 0 4   G   A "C5'" 1 ? 
ATOM   70  C  "C4'" . G   A 1 4  ? 13.445  2.072   -6.619  1.000 12.063 0 4   G   A "C4'" 1 ? 
ATOM   71  O  "O4'" . G   A 1 4  ? 13.320  2.331   -8.029  1.000 12.482 0 4   G   A "O4'" 1 ? 
ATOM   72  C  "C3'" . G   A 1 4  ? 12.407  3.014   -6.004  1.000 13.315 0 4   G   A "C3'" 1 ? 
ATOM   73  O  "O3'" . G   A 1 4  ? 12.632  3.186   -4.615  1.000 16.359 0 4   G   A "O3'" 1 ? 
ATOM   74  C  "C2'" . G   A 1 4  ? 12.627  4.261   -6.857  1.000 12.454 0 4   G   A "C2'" 1 ? 
ATOM   75  O  "O2'" . G   A 1 4  ? 13.830  4.902   -6.550  1.000 14.080 0 4   G   A "O2'" 1 ? 
ATOM   76  C  "C1'" . G   A 1 4  ? 12.716  3.606   -8.231  1.000 11.882 0 4   G   A "C1'" 1 ? 
ATOM   77  N  N9    . G   A 1 4  ? 11.413  3.368   -8.845  1.000 10.591 0 4   G   A N9    1 ? 
ATOM   78  C  C8    . G   A 1 4  ? 10.653  2.226   -8.821  1.000 10.196 0 4   G   A C8    1 ? 
ATOM   79  N  N7    . G   A 1 4  ? 9.542   2.328   -9.488  1.000 12.294 0 4   G   A N7    1 ? 
ATOM   80  C  C5    . G   A 1 4  ? 9.523   3.645   -9.936  1.000 10.659 0 4   G   A C5    1 ? 
ATOM   81  C  C6    . G   A 1 4  ? 8.531   4.342   -10.678 1.000 11.076 0 4   G   A C6    1 ? 
ATOM   82  O  O6    . G   A 1 4  ? 7.456   3.899   -11.102 1.000 11.749 0 4   G   A O6    1 ? 
ATOM   83  N  N1    . G   A 1 4  ? 8.903   5.676   -10.868 1.000 11.444 0 4   G   A N1    1 ? 
ATOM   84  C  C2    . G   A 1 4  ? 10.077  6.259   -10.437 1.000 12.084 0 4   G   A C2    1 ? 
ATOM   85  N  N2    . G   A 1 4  ? 10.268  7.556   -10.667 1.000 11.727 0 4   G   A N2    1 ? 
ATOM   86  N  N3    . G   A 1 4  ? 10.999  5.603   -9.729  1.000 11.636 0 4   G   A N3    1 ? 
ATOM   87  C  C4    . G   A 1 4  ? 10.648  4.310   -9.526  1.000 10.562 0 4   G   A C4    1 ? 
ATOM   88  P  P     . A   A 1 5  ? 11.337  3.389   -3.667  1.000 17.263 0 5   A   A P     1 ? 
ATOM   89  O  OP1   . A   A 1 5  ? 11.928  3.527   -2.305  1.000 20.586 0 5   A   A OP1   1 ? 
ATOM   90  O  OP2   . A   A 1 5  ? 10.236  2.440   -3.933  1.000 17.336 0 5   A   A OP2   1 ? 
ATOM   91  O  "O5'" . A   A 1 5  ? 10.776  4.806   -4.119  1.000 15.739 0 5   A   A "O5'" 1 ? 
ATOM   92  C  "C5'" . A   A 1 5  ? 11.618  5.977   -3.960  1.000 16.643 0 5   A   A "C5'" 1 ? 
ATOM   93  C  "C4'" . A   A 1 5  ? 10.860  7.141   -4.537  1.000 16.358 0 5   A   A "C4'" 1 ? 
ATOM   94  O  "O4'" . A   A 1 5  ? 10.727  6.994   -5.971  1.000 15.958 0 5   A   A "O4'" 1 ? 
ATOM   95  C  "C3'" . A   A 1 5  ? 9.410   7.323   -4.085  1.000 17.659 0 5   A   A "C3'" 1 ? 
ATOM   96  O  "O3'" . A   A 1 5  ? 9.380   7.870   -2.786  1.000 17.846 0 5   A   A "O3'" 1 ? 
ATOM   97  C  "C2'" . A   A 1 5  ? 8.869   8.226   -5.187  1.000 16.243 0 5   A   A "C2'" 1 ? 
ATOM   98  O  "O2'" . A   A 1 5  ? 9.230   9.585   -5.020  1.000 18.230 0 5   A   A "O2'" 1 ? 
ATOM   99  C  "C1'" . A   A 1 5  ? 9.535   7.595   -6.409  1.000 15.051 0 5   A   A "C1'" 1 ? 
ATOM   100 N  N9    . A   A 1 5  ? 8.651   6.587   -6.960  1.000 14.815 0 5   A   A N9    1 ? 
ATOM   101 C  C8    . A   A 1 5  ? 8.633   5.232   -6.734  1.000 14.103 0 5   A   A C8    1 ? 
ATOM   102 N  N7    . A   A 1 5  ? 7.661   4.618   -7.349  1.000 13.818 0 5   A   A N7    1 ? 
ATOM   103 C  C5    . A   A 1 5  ? 6.954   5.632   -7.974  1.000 13.976 0 5   A   A C5    1 ? 
ATOM   104 C  C6    . A   A 1 5  ? 5.816   5.642   -8.782  1.000 15.228 0 5   A   A C6    1 ? 
ATOM   105 N  N6    . A   A 1 5  ? 5.126   4.564   -9.095  1.000 14.782 0 5   A   A N6    1 ? 
ATOM   106 N  N1    . A   A 1 5  ? 5.376   6.839   -9.244  1.000 14.456 0 5   A   A N1    1 ? 
ATOM   107 C  C2    . A   A 1 5  ? 6.066   7.941   -8.904  1.000 15.383 0 5   A   A C2    1 ? 
ATOM   108 N  N3    . A   A 1 5  ? 7.158   8.050   -8.156  1.000 14.942 0 5   A   A N3    1 ? 
ATOM   109 C  C4    . A   A 1 5  ? 7.558   6.845   -7.724  1.000 13.694 0 5   A   A C4    1 ? 
ATOM   110 P  P     . A   A 1 6  ? 8.194   7.436   -1.818  1.000 18.555 0 6   A   A P     1 ? 
ATOM   111 O  OP1   . A   A 1 6  ? 8.643   7.940   -0.482  1.000 21.613 0 6   A   A OP1   1 ? 
ATOM   112 O  OP2   . A   A 1 6  ? 7.787   6.010   -1.915  1.000 17.519 0 6   A   A OP2   1 ? 
ATOM   113 O  "O5'" . A   A 1 6  ? 6.885   8.159   -2.405  1.000 17.058 0 6   A   A "O5'" 1 ? 
ATOM   114 C  "C5'" . A   A 1 6  ? 6.809   9.604   -2.443  1.000 17.764 0 6   A   A "C5'" 1 ? 
ATOM   115 C  "C4'" . A   A 1 6  ? 5.623   10.042  -3.282  1.000 17.291 0 6   A   A "C4'" 1 ? 
ATOM   116 O  "O4'" . A   A 1 6  ? 5.744   9.510   -4.622  1.000 16.481 0 6   A   A "O4'" 1 ? 
ATOM   117 C  "C3'" . A   A 1 6  ? 4.239   9.548   -2.877  1.000 18.846 0 6   A   A "C3'" 1 ? 
ATOM   118 O  "O3'" . A   A 1 6  ? 3.783   10.318  -1.786  1.000 19.923 0 6   A   A "O3'" 1 ? 
ATOM   119 C  "C2'" . A   A 1 6  ? 3.443   9.772   -4.169  1.000 18.438 0 6   A   A "C2'" 1 ? 
ATOM   120 O  "O2'" . A   A 1 6  ? 3.186   11.132  -4.331  1.000 19.585 0 6   A   A "O2'" 1 ? 
ATOM   121 C  "C1'" . A   A 1 6  ? 4.467   9.266   -5.192  1.000 17.331 0 6   A   A "C1'" 1 ? 
ATOM   122 N  N9    . A   A 1 6  ? 4.321   7.836   -5.487  1.000 16.953 0 6   A   A N9    1 ? 
ATOM   123 C  C8    . A   A 1 6  ? 5.036   6.764   -5.018  1.000 18.582 0 6   A   A C8    1 ? 
ATOM   124 N  N7    . A   A 1 6  ? 4.610   5.596   -5.471  1.000 18.635 0 6   A   A N7    1 ? 
ATOM   125 C  C5    . A   A 1 6  ? 3.543   5.935   -6.296  1.000 16.964 0 6   A   A C5    1 ? 
ATOM   126 C  C6    . A   A 1 6  ? 2.658   5.166   -7.105  1.000 17.548 0 6   A   A C6    1 ? 
ATOM   127 N  N6    . A   A 1 6  ? 2.694   3.841   -7.206  1.000 20.274 0 6   A   A N6    1 ? 
ATOM   128 N  N1    . A   A 1 6  ? 1.712   5.830   -7.809  1.000 16.319 0 6   A   A N1    1 ? 
ATOM   129 C  C2    . A   A 1 6  ? 1.658   7.154   -7.720  1.000 17.399 0 6   A   A C2    1 ? 
ATOM   130 N  N3    . A   A 1 6  ? 2.437   7.971   -6.998  1.000 16.972 0 6   A   A N3    1 ? 
ATOM   131 C  C4    . A   A 1 6  ? 3.370   7.293   -6.323  1.000 17.444 0 6   A   A C4    1 ? 
ATOM   132 P  P     . G   A 1 7  ? 2.679   9.688   -0.815  1.000 21.069 0 7   G   A P     1 ? 
ATOM   133 O  OP1   . G   A 1 7  ? 2.519   10.623  0.337   1.000 25.258 0 7   G   A OP1   1 ? 
ATOM   134 O  OP2   . G   A 1 7  ? 2.819   8.236   -0.641  1.000 21.500 0 7   G   A OP2   1 ? 
ATOM   135 O  "O5'" . G   A 1 7  ? 1.333   9.448   -1.686  1.000 21.267 0 7   G   A "O5'" 1 ? 
ATOM   136 C  "C5'" . G   A 1 7  ? 0.418   10.486  -1.852  1.000 20.239 0 7   G   A "C5'" 1 ? 
ATOM   137 C  "C4'" . G   A 1 7  ? -0.631  10.080  -2.858  1.000 16.393 0 7   G   A "C4'" 1 ? 
ATOM   138 O  "O4'" . G   A 1 7  ? -0.036  9.523   -4.051  1.000 14.581 0 7   G   A "O4'" 1 ? 
ATOM   139 C  "C3'" . G   A 1 7  ? -1.736  9.074   -2.515  1.000 14.496 0 7   G   A "C3'" 1 ? 
ATOM   140 O  "O3'" . G   A 1 7  ? -2.673  9.641   -1.636  1.000 13.968 0 7   G   A "O3'" 1 ? 
ATOM   141 C  "C2'" . G   A 1 7  ? -2.338  8.973   -3.912  1.000 12.531 0 7   G   A "C2'" 1 ? 
ATOM   142 O  "O2'" . G   A 1 7  ? -2.995  10.189  -4.216  1.000 12.998 0 7   G   A "O2'" 1 ? 
ATOM   143 C  "C1'" . G   A 1 7  ? -1.055  8.794   -4.715  1.000 12.856 0 7   G   A "C1'" 1 ? 
ATOM   144 N  N9    . G   A 1 7  ? -0.611  7.413   -4.857  1.000 12.877 0 7   G   A N9    1 ? 
ATOM   145 C  C8    . G   A 1 7  ? 0.460   6.782   -4.262  1.000 12.801 0 7   G   A C8    1 ? 
ATOM   146 N  N7    . G   A 1 7  ? 0.544   5.507   -4.558  1.000 13.146 0 7   G   A N7    1 ? 
ATOM   147 C  C5    . G   A 1 7  ? -0.496  5.310   -5.467  1.000 11.787 0 7   G   A C5    1 ? 
ATOM   148 C  C6    . G   A 1 7  ? -0.872  4.154   -6.205  1.000 12.188 0 7   G   A C6    1 ? 
ATOM   149 O  O6    . G   A 1 7  ? -0.359  3.027   -6.233  1.000 14.195 0 7   G   A O6    1 ? 
ATOM   150 N  N1    . G   A 1 7  ? -1.998  4.385   -6.975  1.000 11.718 0 7   G   A N1    1 ? 
ATOM   151 C  C2    . G   A 1 7  ? -2.665  5.570   -7.083  1.000 11.328 0 7   G   A C2    1 ? 
ATOM   152 N  N2    . G   A 1 7  ? -3.758  5.635   -7.854  1.000 11.789 0 7   G   A N2    1 ? 
ATOM   153 N  N3    . G   A 1 7  ? -2.304  6.659   -6.421  1.000 12.458 0 7   G   A N3    1 ? 
ATOM   154 C  C4    . G   A 1 7  ? -1.223  6.464   -5.640  1.000 12.481 0 7   G   A C4    1 ? 
ATOM   155 P  P     . DA  A 1 8  ? -3.684  8.738   -0.762  1.000 14.393 0 8   DA  A P     1 ? 
ATOM   156 O  OP1   . DA  A 1 8  ? -4.243  9.700   0.235   1.000 17.122 0 8   DA  A OP1   1 ? 
ATOM   157 O  OP2   . DA  A 1 8  ? -3.037  7.477   -0.313  1.000 16.528 0 8   DA  A OP2   1 ? 
ATOM   158 O  "O5'" . DA  A 1 8  ? -4.765  8.250   -1.821  1.000 14.568 0 8   DA  A "O5'" 1 ? 
ATOM   159 C  "C5'" . DA  A 1 8  ? -5.699  9.192   -2.372  1.000 15.775 0 8   DA  A "C5'" 1 ? 
ATOM   160 C  "C4'" . DA  A 1 8  ? -6.542  8.459   -3.392  1.000 14.338 0 8   DA  A "C4'" 1 ? 
ATOM   161 O  "O4'" . DA  A 1 8  ? -5.716  7.895   -4.440  1.000 13.984 0 8   DA  A "O4'" 1 ? 
ATOM   162 C  "C3'" . DA  A 1 8  ? -7.290  7.247   -2.855  1.000 16.009 0 8   DA  A "C3'" 1 ? 
ATOM   163 O  "O3'" . DA  A 1 8  ? -8.444  7.736   -2.214  1.000 15.562 0 8   DA  A "O3'" 1 ? 
ATOM   164 C  "C2'" . DA  A 1 8  ? -7.609  6.510   -4.143  1.000 14.518 0 8   DA  A "C2'" 1 ? 
ATOM   165 C  "C1'" . DA  A 1 8  ? -6.283  6.647   -4.849  1.000 14.327 0 8   DA  A "C1'" 1 ? 
ATOM   166 N  N9    . DA  A 1 8  ? -5.311  5.609   -4.492  1.000 12.434 0 8   DA  A N9    1 ? 
ATOM   167 C  C8    . DA  A 1 8  ? -4.217  5.726   -3.681  1.000 12.768 0 8   DA  A C8    1 ? 
ATOM   168 N  N7    . DA  A 1 8  ? -3.480  4.653   -3.628  1.000 13.882 0 8   DA  A N7    1 ? 
ATOM   169 C  C5    . DA  A 1 8  ? -4.114  3.777   -4.488  1.000 12.675 0 8   DA  A C5    1 ? 
ATOM   170 C  C6    . DA  A 1 8  ? -3.810  2.467   -4.893  1.000 11.791 0 8   DA  A C6    1 ? 
ATOM   171 N  N6    . DA  A 1 8  ? -2.754  1.808   -4.460  1.000 14.063 0 8   DA  A N6    1 ? 
ATOM   172 N  N1    . DA  A 1 8  ? -4.654  1.877   -5.771  1.000 13.579 0 8   DA  A N1    1 ? 
ATOM   173 C  C2    . DA  A 1 8  ? -5.722  2.551   -6.206  1.000 14.079 0 8   DA  A C2    1 ? 
ATOM   174 N  N3    . DA  A 1 8  ? -6.079  3.804   -5.944  1.000 14.544 0 8   DA  A N3    1 ? 
ATOM   175 C  C4    . DA  A 1 8  ? -5.240  4.353   -5.048  1.000 12.962 0 8   DA  A C4    1 ? 
ATOM   176 P  P     . U   A 1 9  ? -9.047  6.953   -0.950  1.000 16.551 0 9   U   A P     1 ? 
ATOM   177 O  OP1   . U   A 1 9  ? -10.125 7.816   -0.392  1.000 17.402 0 9   U   A OP1   1 ? 
ATOM   178 O  OP2   . U   A 1 9  ? -7.971  6.545   -0.026  1.000 16.171 0 9   U   A OP2   1 ? 
ATOM   179 O  "O5'" . U   A 1 9  ? -9.654  5.612   -1.536  1.000 15.823 0 9   U   A "O5'" 1 ? 
ATOM   180 C  "C5'" . U   A 1 9  ? -10.801 5.678   -2.403  1.000 17.882 0 9   U   A "C5'" 1 ? 
ATOM   181 C  "C4'" . U   A 1 9  ? -10.964 4.332   -3.058  1.000 18.354 0 9   U   A "C4'" 1 ? 
ATOM   182 O  "O4'" . U   A 1 9  ? -9.830  4.034   -3.918  1.000 17.224 0 9   U   A "O4'" 1 ? 
ATOM   183 C  "C3'" . U   A 1 9  ? -11.004 3.126   -2.109  1.000 18.495 0 9   U   A "C3'" 1 ? 
ATOM   184 O  "O3'" . U   A 1 9  ? -12.247 3.052   -1.421  1.000 18.896 0 9   U   A "O3'" 1 ? 
ATOM   185 C  "C2'" . U   A 1 9  ? -10.729 2.003   -3.098  1.000 19.363 0 9   U   A "C2'" 1 ? 
ATOM   186 O  "O2'" . U   A 1 9  ? -11.837 1.735   -3.934  1.000 20.116 0 9   U   A "O2'" 1 ? 
ATOM   187 C  "C1'" . U   A 1 9  ? -9.590  2.636   -3.895  1.000 17.847 0 9   U   A "C1'" 1 ? 
ATOM   188 N  N1    . U   A 1 9  ? -8.261  2.376   -3.295  1.000 15.499 0 9   U   A N1    1 ? 
ATOM   189 C  C2    . U   A 1 9  ? -7.687  1.156   -3.591  1.000 15.171 0 9   U   A C2    1 ? 
ATOM   190 O  O2    . U   A 1 9  ? -8.228  0.305   -4.278  1.000 17.677 0 9   U   A O2    1 ? 
ATOM   191 N  N3    . U   A 1 9  ? -6.458  0.951   -3.050  1.000 14.708 0 9   U   A N3    1 ? 
ATOM   192 C  C4    . U   A 1 9  ? -5.722  1.820   -2.273  1.000 13.758 0 9   U   A C4    1 ? 
ATOM   193 O  O4    . U   A 1 9  ? -4.605  1.476   -1.876  1.000 16.172 0 9   U   A O4    1 ? 
ATOM   194 C  C5    . U   A 1 9  ? -6.389  3.056   -1.970  1.000 13.951 0 9   U   A C5    1 ? 
ATOM   195 C  C6    . U   A 1 9  ? -7.603  3.282   -2.489  1.000 14.273 0 9   U   A C6    1 ? 
ATOM   196 P  P     . C   A 1 10 ? -12.326 2.407   0.047   1.000 21.137 0 10  C   A P     1 ? 
ATOM   197 O  OP1   . C   A 1 10 ? -13.750 2.550   0.505   1.000 24.467 0 10  C   A OP1   1 ? 
ATOM   198 O  OP2   . C   A 1 10 ? -11.238 2.910   0.932   1.000 21.250 0 10  C   A OP2   1 ? 
ATOM   199 O  "O5'" . C   A 1 10 ? -11.911 0.880   -0.206  1.000 18.868 0 10  C   A "O5'" 1 ? 
ATOM   200 C  "C5'" . C   A 1 10 ? -12.816 0.069   -0.966  1.000 18.769 0 10  C   A "C5'" 1 ? 
ATOM   201 C  "C4'" . C   A 1 10 ? -12.195 -1.290  -1.180  1.000 17.963 0 10  C   A "C4'" 1 ? 
ATOM   202 O  "O4'" . C   A 1 10 ? -10.973 -1.103  -1.942  1.000 18.034 0 10  C   A "O4'" 1 ? 
ATOM   203 C  "C3'" . C   A 1 10 ? -11.744 -2.085  0.060   1.000 19.425 0 10  C   A "C3'" 1 ? 
ATOM   204 O  "O3'" . C   A 1 10 ? -12.793 -2.700  0.837   1.000 23.135 0 10  C   A "O3'" 1 ? 
ATOM   205 C  "C2'" . C   A 1 10 ? -10.780 -3.067  -0.617  1.000 18.399 0 10  C   A "C2'" 1 ? 
ATOM   206 O  "O2'" . C   A 1 10 ? -11.370 -4.094  -1.374  1.000 21.311 0 10  C   A "O2'" 1 ? 
ATOM   207 C  "C1'" . C   A 1 10 ? -10.075 -2.131  -1.602  1.000 16.118 0 10  C   A "C1'" 1 ? 
ATOM   208 N  N1    . C   A 1 10 ? -8.873  -1.522  -0.989  1.000 13.416 0 10  C   A N1    1 ? 
ATOM   209 C  C2    . C   A 1 10 ? -7.744  -2.346  -0.901  1.000 11.969 0 10  C   A C2    1 ? 
ATOM   210 O  O2    . C   A 1 10 ? -7.841  -3.504  -1.362  1.000 13.441 0 10  C   A O2    1 ? 
ATOM   211 N  N3    . C   A 1 10 ? -6.614  -1.832  -0.365  1.000 12.188 0 10  C   A N3    1 ? 
ATOM   212 C  C4    . C   A 1 10 ? -6.587  -0.595  0.131   1.000 12.425 0 10  C   A C4    1 ? 
ATOM   213 N  N4    . C   A 1 10 ? -5.464  -0.139  0.659   1.000 13.454 0 10  C   A N4    1 ? 
ATOM   214 C  C5    . C   A 1 10 ? -7.750  0.230   0.092   1.000 12.454 0 10  C   A C5    1 ? 
ATOM   215 C  C6    . C   A 1 10 ? -8.859  -0.271  -0.473  1.000 13.035 0 10  C   A C6    1 ? 
ATOM   216 P  P     . U   A 1 11 ? -12.626 -2.886  2.432   1.000 21.945 0 11  U   A P     1 ? 
ATOM   217 O  OP1   . U   A 1 11 ? -13.965 -3.363  2.900   1.000 25.986 0 11  U   A OP1   1 ? 
ATOM   218 O  OP2   . U   A 1 11 ? -11.927 -1.793  3.163   1.000 26.125 0 11  U   A OP2   1 ? 
ATOM   219 O  "O5'" . U   A 1 11 ? -11.594 -4.093  2.592   1.000 20.402 0 11  U   A "O5'" 1 ? 
ATOM   220 C  "C5'" . U   A 1 11 ? -11.772 -5.273  1.831   1.000 20.386 0 11  U   A "C5'" 1 ? 
ATOM   221 C  "C4'" . U   A 1 11 ? -10.477 -6.053  1.877   1.000 19.286 0 11  U   A "C4'" 1 ? 
ATOM   222 O  "O4'" . U   A 1 11 ? -9.416  -5.285  1.243   1.000 18.594 0 11  U   A "O4'" 1 ? 
ATOM   223 C  "C3'" . U   A 1 11 ? -9.849  -6.309  3.259   1.000 19.605 0 11  U   A "C3'" 1 ? 
ATOM   224 O  "O3'" . U   A 1 11 ? -10.496 -7.332  3.994   1.000 18.922 0 11  U   A "O3'" 1 ? 
ATOM   225 C  "C2'" . U   A 1 11 ? -8.463  -6.782  2.802   1.000 19.386 0 11  U   A "C2'" 1 ? 
ATOM   226 O  "O2'" . U   A 1 11 ? -8.539  -8.076  2.235   1.000 21.294 0 11  U   A "O2'" 1 ? 
ATOM   227 C  "C1'" . U   A 1 11 ? -8.168  -5.707  1.754   1.000 17.284 0 11  U   A "C1'" 1 ? 
ATOM   228 N  N1    . U   A 1 11 ? -7.445  -4.539  2.256   1.000 18.850 0 11  U   A N1    1 ? 
ATOM   229 C  C2    . U   A 1 11 ? -6.085  -4.718  2.401   1.000 15.992 0 11  U   A C2    1 ? 
ATOM   230 O  O2    . U   A 1 11 ? -5.573  -5.793  2.188   1.000 19.538 0 11  U   A O2    1 ? 
ATOM   231 N  N3    . U   A 1 11 ? -5.421  -3.621  2.821   1.000 18.165 0 11  U   A N3    1 ? 
ATOM   232 C  C4    . U   A 1 11 ? -5.919  -2.377  3.094   1.000 16.978 0 11  U   A C4    1 ? 
ATOM   233 O  O4    . U   A 1 11 ? -5.183  -1.487  3.527   1.000 20.809 0 11  U   A O4    1 ? 
ATOM   234 C  C5    . U   A 1 11 ? -7.340  -2.280  2.955   1.000 19.061 0 11  U   A C5    1 ? 
ATOM   235 C  C6    . U   A 1 11 ? -8.032  -3.346  2.520   1.000 16.558 0 11  U   A C6    1 ? 
ATOM   236 P  P     . U   A 1 12 ? -10.423 -7.442  5.604   1.000 17.312 0 12  U   A P     1 ? 
ATOM   237 O  OP1   . U   A 1 12 ? -11.577 -8.338  5.823   1.000 18.523 0 12  U   A OP1   1 ? 
ATOM   238 O  OP2   . U   A 1 12 ? -10.352 -6.113  6.249   1.000 18.283 0 12  U   A OP2   1 ? 
ATOM   239 O  "O5'" . U   A 1 12 ? -9.046  -8.167  5.911   1.000 13.546 0 12  U   A "O5'" 1 ? 
ATOM   240 C  "C5'" . U   A 1 12 ? -8.835  -9.548  5.527   1.000 14.564 0 12  U   A "C5'" 1 ? 
ATOM   241 C  "C4'" . U   A 1 12 ? -7.450  -9.867  5.979   1.000 14.552 0 12  U   A "C4'" 1 ? 
ATOM   242 O  "O4'" . U   A 1 12 ? -6.509  -9.090  5.214   1.000 14.291 0 12  U   A "O4'" 1 ? 
ATOM   243 C  "C3'" . U   A 1 12 ? -7.097  -9.483  7.416   1.000 14.109 0 12  U   A "C3'" 1 ? 
ATOM   244 O  "O3'" . U   A 1 12 ? -7.697  -10.419 8.294   1.000 14.689 0 12  U   A "O3'" 1 ? 
ATOM   245 C  "C2'" . U   A 1 12 ? -5.587  -9.560  7.350   1.000 14.478 0 12  U   A "C2'" 1 ? 
ATOM   246 O  "O2'" . U   A 1 12 ? -5.164  -10.899 7.219   1.000 14.693 0 12  U   A "O2'" 1 ? 
ATOM   247 C  "C1'" . U   A 1 12 ? -5.377  -8.847  6.021   1.000 14.200 0 12  U   A "C1'" 1 ? 
ATOM   248 N  N1    . U   A 1 12 ? -5.253  -7.388  6.111   1.000 14.545 0 12  U   A N1    1 ? 
ATOM   249 C  C2    . U   A 1 12 ? -4.016  -6.908  6.454   1.000 15.642 0 12  U   A C2    1 ? 
ATOM   250 O  O2    . U   A 1 12 ? -3.076  -7.629  6.783   1.000 15.730 0 12  U   A O2    1 ? 
ATOM   251 N  N3    . U   A 1 12 ? -3.908  -5.548  6.449   1.000 15.049 0 12  U   A N3    1 ? 
ATOM   252 C  C4    . U   A 1 12 ? -4.885  -4.653  6.112   1.000 15.423 0 12  U   A C4    1 ? 
ATOM   253 O  O4    . U   A 1 12 ? -4.613  -3.451  6.126   1.000 15.126 0 12  U   A O4    1 ? 
ATOM   254 C  C5    . U   A 1 12 ? -6.153  -5.226  5.782   1.000 14.562 0 12  U   A C5    1 ? 
ATOM   255 C  C6    . U   A 1 12 ? -6.299  -6.565  5.791   1.000 14.318 0 12  U   A C6    1 ? 
ATOM   256 P  P     . C   A 1 13 ? -8.184  -9.962  9.746   1.000 13.345 0 13  C   A P     1 ? 
ATOM   257 O  OP1   . C   A 1 13 ? -8.912  -11.169 10.274  1.000 14.869 0 13  C   A OP1   1 ? 
ATOM   258 O  OP2   . C   A 1 13 ? -8.903  -8.657  9.717   1.000 13.304 0 13  C   A OP2   1 ? 
ATOM   259 O  "O5'" . C   A 1 13 ? -6.871  -9.617  10.575  1.000 12.023 0 13  C   A "O5'" 1 ? 
ATOM   260 C  "C5'" . C   A 1 13 ? -6.052  -10.704 10.952  1.000 11.780 0 13  C   A "C5'" 1 ? 
ATOM   261 C  "C4'" . C   A 1 13 ? -4.727  -10.182 11.428  1.000 12.673 0 13  C   A "C4'" 1 ? 
ATOM   262 O  "O4'" . C   A 1 13 ? -4.066  -9.451  10.373  1.000 11.993 0 13  C   A "O4'" 1 ? 
ATOM   263 C  "C3'" . C   A 1 13 ? -4.769  -9.188  12.599  1.000 11.470 0 13  C   A "C3'" 1 ? 
ATOM   264 O  "O3'" . C   A 1 13 ? -4.960  -9.881  13.820  1.000 10.943 0 13  C   A "O3'" 1 ? 
ATOM   265 C  "C2'" . C   A 1 13 ? -3.352  -8.611  12.498  1.000 10.888 0 13  C   A "C2'" 1 ? 
ATOM   266 O  "O2'" . C   A 1 13 ? -2.366  -9.520  12.930  1.000 11.741 0 13  C   A "O2'" 1 ? 
ATOM   267 C  "C1'" . C   A 1 13 ? -3.256  -8.450  10.980  1.000 11.859 0 13  C   A "C1'" 1 ? 
ATOM   268 N  N1    . C   A 1 13 ? -3.699  -7.105  10.551  1.000 11.641 0 13  C   A N1    1 ? 
ATOM   269 C  C2    . C   A 1 13 ? -2.796  -6.035  10.666  1.000 10.906 0 13  C   A C2    1 ? 
ATOM   270 O  O2    . C   A 1 13 ? -1.721  -6.243  11.255  1.000 12.709 0 13  C   A O2    1 ? 
ATOM   271 N  N3    . C   A 1 13 ? -3.181  -4.799  10.273  1.000 11.892 0 13  C   A N3    1 ? 
ATOM   272 C  C4    . C   A 1 13 ? -4.387  -4.619  9.739   1.000 11.471 0 13  C   A C4    1 ? 
ATOM   273 N  N4    . C   A 1 13 ? -4.698  -3.410  9.312   1.000 11.504 0 13  C   A N4    1 ? 
ATOM   274 C  C5    . C   A 1 13 ? -5.326  -5.695  9.600   1.000 12.422 0 13  C   A C5    1 ? 
ATOM   275 C  C6    . C   A 1 13 ? -4.930  -6.896  10.033  1.000 12.034 0 13  C   A C6    1 ? 
ATOM   276 P  P     . U   A 1 14 ? -5.730  -9.190  15.029  1.000 11.367 0 14  U   A P     1 ? 
ATOM   277 O  OP1   . U   A 1 14 ? -6.000  -10.232 16.057  1.000 13.277 0 14  U   A OP1   1 ? 
ATOM   278 O  OP2   . U   A 1 14 ? -6.836  -8.406  14.498  1.000 12.346 0 14  U   A OP2   1 ? 
ATOM   279 O  "O5'" . U   A 1 14 ? -4.734  -8.045  15.600  1.000 9.298  0 14  U   A "O5'" 1 ? 
ATOM   280 C  "C5'" . U   A 1 14 ? -3.535  -8.529  16.259  1.000 10.305 0 14  U   A "C5'" 1 ? 
ATOM   281 C  "C4'" . U   A 1 14 ? -2.583  -7.384  16.434  1.000 9.626  0 14  U   A "C4'" 1 ? 
ATOM   282 O  "O4'" . U   A 1 14 ? -2.185  -6.838  15.171  1.000 10.399 0 14  U   A "O4'" 1 ? 
ATOM   283 C  "C3'" . U   A 1 14 ? -2.999  -6.169  17.273  1.000 9.442  0 14  U   A "C3'" 1 ? 
ATOM   284 O  "O3'" . U   A 1 14 ? -2.899  -6.480  18.651  1.000 9.865  0 14  U   A "O3'" 1 ? 
ATOM   285 C  "C2'" . U   A 1 14 ? -1.958  -5.150  16.784  1.000 9.077  0 14  U   A "C2'" 1 ? 
ATOM   286 O  "O2'" . U   A 1 14 ? -0.724  -5.532  17.364  1.000 8.236  0 14  U   A "O2'" 1 ? 
ATOM   287 C  "C1'" . U   A 1 14 ? -1.980  -5.428  15.301  1.000 9.015  0 14  U   A "C1'" 1 ? 
ATOM   288 N  N1    . U   A 1 14 ? -3.022  -4.676  14.572  1.000 9.405  0 14  U   A N1    1 ? 
ATOM   289 C  C2    . U   A 1 14 ? -2.682  -3.373  14.233  1.000 9.244  0 14  U   A C2    1 ? 
ATOM   290 O  O2    . U   A 1 14 ? -1.686  -2.825  14.663  1.000 9.503  0 14  U   A O2    1 ? 
ATOM   291 N  N3    . U   A 1 14 ? -3.613  -2.723  13.458  1.000 8.847  0 14  U   A N3    1 ? 
ATOM   292 C  C4    . U   A 1 14 ? -4.768  -3.274  12.949  1.000 9.711  0 14  U   A C4    1 ? 
ATOM   293 O  O4    . U   A 1 14 ? -5.536  -2.587  12.283  1.000 11.364 0 14  U   A O4    1 ? 
ATOM   294 C  C5    . U   A 1 14 ? -5.057  -4.623  13.344  1.000 10.279 0 14  U   A C5    1 ? 
ATOM   295 C  C6    . U   A 1 14 ? -4.187  -5.263  14.141  1.000 9.479  0 14  U   A C6    1 ? 
ATOM   296 P  P     . C   A 1 15 ? -3.743  -5.714  19.767  1.000 10.521 0 15  C   A P     1 ? 
ATOM   297 O  OP1   . C   A 1 15 ? -3.542  -6.459  21.034  1.000 13.739 0 15  C   A OP1   1 ? 
ATOM   298 O  OP2   . C   A 1 15 ? -5.110  -5.408  19.270  1.000 12.000 0 15  C   A OP2   1 ? 
ATOM   299 O  "O5'" . C   A 1 15 ? -3.087  -4.268  19.873  1.000 9.673  0 15  C   A "O5'" 1 ? 
ATOM   300 C  "C5'" . C   A 1 15 ? -1.748  -4.111  20.392  1.000 9.212  0 15  C   A "C5'" 1 ? 
ATOM   301 C  "C4'" . C   A 1 15 ? -1.268  -2.706  20.096  1.000 9.434  0 15  C   A "C4'" 1 ? 
ATOM   302 O  "O4'" . C   A 1 15 ? -1.257  -2.466  18.667  1.000 8.443  0 15  C   A "O4'" 1 ? 
ATOM   303 C  "C3'" . C   A 1 15 ? -2.113  -1.552  20.632  1.000 10.091 0 15  C   A "C3'" 1 ? 
ATOM   304 O  "O3'" . C   A 1 15 ? -1.855  -1.376  22.018  1.000 11.813 0 15  C   A "O3'" 1 ? 
ATOM   305 C  "C2'" . C   A 1 15 ? -1.636  -0.407  19.767  1.000 9.750  0 15  C   A "C2'" 1 ? 
ATOM   306 O  "O2'" . C   A 1 15 ? -0.325  0.014   20.092  1.000 10.644 0 15  C   A "O2'" 1 ? 
ATOM   307 C  "C1'" . C   A 1 15 ? -1.592  -1.102  18.419  1.000 8.612  0 15  C   A "C1'" 1 ? 
ATOM   308 N  N1    . C   A 1 15 ? -2.881  -1.086  17.691  1.000 8.685  0 15  C   A N1    1 ? 
ATOM   309 C  C2    . C   A 1 15 ? -3.167  0.050   16.946  1.000 8.965  0 15  C   A C2    1 ? 
ATOM   310 O  O2    . C   A 1 15 ? -2.437  1.044   17.107  1.000 9.201  0 15  C   A O2    1 ? 
ATOM   311 N  N3    . C   A 1 15 ? -4.261  0.033   16.148  1.000 8.858  0 15  C   A N3    1 ? 
ATOM   312 C  C4    . C   A 1 15 ? -5.004  -1.050  16.055  1.000 9.177  0 15  C   A C4    1 ? 
ATOM   313 N  N4    . C   A 1 15 ? -6.023  -0.987  15.219  1.000 9.066  0 15  C   A N4    1 ? 
ATOM   314 C  C5    . C   A 1 15 ? -4.764  -2.194  16.833  1.000 9.024  0 15  C   A C5    1 ? 
ATOM   315 C  C6    . C   A 1 15 ? -3.697  -2.176  17.629  1.000 9.066  0 15  C   A C6    1 ? 
ATOM   316 P  P     . U   A 1 16 ? -3.051  -1.001  23.001  1.000 12.877 0 16  U   A P     1 ? 
ATOM   317 O  OP1   . U   A 1 16 ? -2.370  -0.957  24.334  1.000 17.251 0 16  U   A OP1   1 ? 
ATOM   318 O  OP2   . U   A 1 16 ? -4.229  -1.820  22.722  1.000 13.870 0 16  U   A OP2   1 ? 
ATOM   319 O  "O5'" . U   A 1 16 ? -3.480  0.481   22.545  1.000 10.166 0 16  U   A "O5'" 1 ? 
ATOM   320 C  "C5'" . U   A 1 16 ? -2.533  1.551   22.756  1.000 9.814  0 16  U   A "C5'" 1 ? 
ATOM   321 C  "C4'" . U   A 1 16 ? -3.070  2.782   22.076  1.000 10.198 0 16  U   A "C4'" 1 ? 
ATOM   322 O  "O4'" . U   A 1 16 ? -3.098  2.580   20.637  1.000 8.669  0 16  U   A "O4'" 1 ? 
ATOM   323 C  "C3'" . U   A 1 16 ? -4.495  3.239   22.414  1.000 10.104 0 16  U   A "C3'" 1 ? 
ATOM   324 O  "O3'" . U   A 1 16 ? -4.566  3.900   23.673  1.000 11.100 0 16  U   A "O3'" 1 ? 
ATOM   325 C  "C2'" . U   A 1 16 ? -4.795  4.106   21.208  1.000 9.737  0 16  U   A "C2'" 1 ? 
ATOM   326 O  "O2'" . U   A 1 16 ? -4.193  5.392   21.378  1.000 10.788 0 16  U   A "O2'" 1 ? 
ATOM   327 C  "C1'" . U   A 1 16 ? -4.159  3.315   20.076  1.000 8.822  0 16  U   A "C1'" 1 ? 
ATOM   328 N  N1    . U   A 1 16 ? -5.094  2.362   19.445  1.000 8.932  0 16  U   A N1    1 ? 
ATOM   329 C  C2    . U   A 1 16 ? -5.935  2.888   18.490  1.000 9.596  0 16  U   A C2    1 ? 
ATOM   330 O  O2    . U   A 1 16 ? -5.917  4.054   18.162  1.000 10.100 0 16  U   A O2    1 ? 
ATOM   331 N  N3    . U   A 1 16 ? -6.771  2.005   17.889  1.000 9.081  0 16  U   A N3    1 ? 
ATOM   332 C  C4    . U   A 1 16 ? -6.945  0.682   18.207  1.000 9.127  0 16  U   A C4    1 ? 
ATOM   333 O  O4    . U   A 1 16 ? -7.796  0.006   17.618  1.000 11.120 0 16  U   A O4    1 ? 
ATOM   334 C  C5    . U   A 1 16 ? -6.077  0.176   19.235  1.000 8.862  0 16  U   A C5    1 ? 
ATOM   335 C  C6    . U   A 1 16 ? -5.210  1.037   19.812  1.000 8.291  0 16  U   A C6    1 ? 
HETATM 336 MG MG    . MG  B 2 .  ? 3.467   2.151   -3.856  1.000 30.843 0 101 MG  A MG    1 ? 
HETATM 337 MG MG    . MG  C 2 .  ? 6.390   -0.763  -11.958 1.000 20.924 0 102 MG  A MG    1 ? 
HETATM 338 MG MG    . MG  D 2 .  ? -12.957 -10.094 9.239   1.000 21.925 0 103 MG  A MG    1 ? 
HETATM 339 O  O     . HOH E 3 .  ? -15.082 -4.259  1.101   1.000 41.154 0 201 HOH A O     1 ? 
HETATM 340 O  O     . HOH E 3 .  ? 4.857   3.321   -5.148  1.000 29.524 0 202 HOH A O     1 ? 
HETATM 341 O  O     . HOH E 3 .  ? 3.119   6.307   -2.063  1.000 40.608 0 203 HOH A O     1 ? 
HETATM 342 O  O     . HOH E 3 .  ? 1.910   -3.024  -19.881 1.000 31.260 0 204 HOH A O     1 ? 
HETATM 343 O  O     . HOH E 3 .  ? 4.996   -7.724  -11.182 1.000 23.125 0 205 HOH A O     1 ? 
HETATM 344 O  O     . HOH E 3 .  ? 1.864   10.403  -6.792  1.000 29.064 0 206 HOH A O     1 ? 
HETATM 345 O  O     . HOH E 3 .  ? -7.880  -2.642  11.395  1.000 24.311 0 207 HOH A O     1 ? 
HETATM 346 O  O     . HOH E 3 .  ? -13.461 -9.040  4.271   1.000 49.000 0 208 HOH A O     1 ? 
HETATM 347 O  O     . HOH E 3 .  ? 11.140  -7.612  -8.316  1.000 33.445 0 209 HOH A O     1 ? 
HETATM 348 O  O     . HOH E 3 .  ? -5.695  7.224   20.457  1.000 27.597 0 210 HOH A O     1 ? 
HETATM 349 O  O     . HOH E 3 .  ? -9.472  -5.594  -2.264  0.330 16.742 0 211 HOH A O     1 ? 
HETATM 350 O  O     . HOH E 3 .  ? 7.476   10.451  -7.271  1.000 32.332 0 212 HOH A O     1 ? 
HETATM 351 O  O     . HOH E 3 .  ? -7.689  -11.462 17.582  1.000 33.382 0 213 HOH A O     1 ? 
HETATM 352 O  O     . HOH E 3 .  ? -4.524  9.229   2.764   1.000 36.674 0 214 HOH A O     1 ? 
HETATM 353 O  O     . HOH E 3 .  ? -8.564  -2.466  17.942  1.000 19.385 0 215 HOH A O     1 ? 
HETATM 354 O  O     . HOH E 3 .  ? -6.785  -5.002  17.306  1.000 34.053 0 216 HOH A O     1 ? 
HETATM 355 O  O     . HOH E 3 .  ? 14.644  -2.637  -4.938  1.000 31.993 0 217 HOH A O     1 ? 
HETATM 356 O  O     . HOH E 3 .  ? 1.805   -1.151  19.087  1.000 27.193 0 218 HOH A O     1 ? 
HETATM 357 O  O     . HOH E 3 .  ? -6.911  4.959   24.223  1.000 24.127 0 219 HOH A O     1 ? 
HETATM 358 O  O     . HOH E 3 .  ? -8.139  4.655   -7.362  1.000 31.925 0 220 HOH A O     1 ? 
HETATM 359 O  O     . HOH E 3 .  ? 8.761   0.912   -5.512  1.000 28.502 0 221 HOH A O     1 ? 
HETATM 360 O  O     . HOH E 3 .  ? 15.001  5.444   -4.235  1.000 24.560 0 222 HOH A O     1 ? 
HETATM 361 O  O     . HOH E 3 .  ? 1.517   1.630   -4.976  1.000 28.548 0 223 HOH A O     1 ? 
HETATM 362 O  O     . HOH E 3 .  ? -7.956  -6.257  15.611  1.000 29.164 0 224 HOH A O     1 ? 
HETATM 363 O  O     . HOH E 3 .  ? 6.127   1.601   -10.780 1.000 20.304 0 225 HOH A O     1 ? 
HETATM 364 O  O     . HOH E 3 .  ? -2.471  -11.504 14.722  0.330 12.856 0 226 HOH A O     1 ? 
HETATM 365 O  O     . HOH E 3 .  ? 11.634  -1.651  -2.590  1.000 23.147 0 227 HOH A O     1 ? 
HETATM 366 O  O     . HOH E 3 .  ? 1.548   13.097  -0.071  0.330 20.826 0 228 HOH A O     1 ? 
HETATM 367 O  O     . HOH E 3 .  ? 1.463   -1.126  21.758  0.500 38.359 0 229 HOH A O     1 ? 
HETATM 368 O  O     . HOH E 3 .  ? -11.542 -11.093 10.927  1.000 29.826 0 230 HOH A O     1 ? 
HETATM 369 O  O     . HOH E 3 .  ? -3.139  -11.933 8.708   1.000 22.052 0 231 HOH A O     1 ? 
HETATM 370 O  O     . HOH E 3 .  ? -10.456 0.854   2.570   1.000 37.543 0 232 HOH A O     1 ? 
HETATM 371 O  O     . HOH E 3 .  ? 5.799   -1.281  -15.875 1.000 34.823 0 233 HOH A O     1 ? 
HETATM 372 O  O     . HOH E 3 .  ? -8.737  -6.091  8.761   1.000 20.720 0 234 HOH A O     1 ? 
HETATM 373 O  O     . HOH E 3 .  ? 8.469   -0.066  -8.663  1.000 22.826 0 235 HOH A O     1 ? 
HETATM 374 O  O     . HOH E 3 .  ? -10.383 -1.423  5.413   1.000 35.546 0 236 HOH A O     1 ? 
HETATM 375 O  O     . HOH E 3 .  ? 15.440  -2.460  -7.800  1.000 22.707 0 237 HOH A O     1 ? 
HETATM 376 O  O     . HOH E 3 .  ? 2.408   3.822   -3.417  1.000 24.681 0 238 HOH A O     1 ? 
HETATM 377 O  O     . HOH E 3 .  ? 6.860   2.024   -6.843  1.000 23.413 0 239 HOH A O     1 ? 
HETATM 378 O  O     . HOH E 3 .  ? 11.536  -8.142  -11.654 1.000 27.734 0 240 HOH A O     1 ? 
HETATM 379 O  O     . HOH E 3 .  ? -8.633  3.841   0.979   1.000 22.459 0 241 HOH A O     1 ? 
HETATM 380 O  O     . HOH E 3 .  ? -2.561  2.451   -0.279  1.000 23.221 0 242 HOH A O     1 ? 
HETATM 381 O  O     . HOH E 3 .  ? -6.526  6.760   18.137  1.000 21.622 0 243 HOH A O     1 ? 
HETATM 382 O  O     . HOH E 3 .  ? 0.385   -7.164  19.318  1.000 15.176 0 244 HOH A O     1 ? 
HETATM 383 O  O     . HOH E 3 .  ? -8.989  -3.708  5.982   1.000 26.684 0 245 HOH A O     1 ? 
HETATM 384 O  O     . HOH E 3 .  ? 13.817  -3.872  -13.825 1.000 23.267 0 246 HOH A O     1 ? 
HETATM 385 O  O     . HOH E 3 .  ? 10.160  -6.062  -6.419  1.000 44.893 0 247 HOH A O     1 ? 
HETATM 386 O  O     . HOH E 3 .  ? -5.869  -2.869  20.732  1.000 20.040 0 248 HOH A O     1 ? 
HETATM 387 O  O     . HOH E 3 .  ? -1.672  5.349   -1.619  1.000 25.658 0 249 HOH A O     1 ? 
HETATM 388 O  O     . HOH E 3 .  ? -4.509  -4.433  23.694  1.000 36.010 0 250 HOH A O     1 ? 
HETATM 389 O  O     . HOH E 3 .  ? 14.486  1.367   -11.252 1.000 16.238 0 251 HOH A O     1 ? 
HETATM 390 O  O     . HOH E 3 .  ? 10.380  -6.038  -18.206 1.000 25.684 0 252 HOH A O     1 ? 
HETATM 391 O  O     . HOH E 3 .  ? -11.609 9.407   -2.177  1.000 27.954 0 253 HOH A O     1 ? 
HETATM 392 O  O     . HOH E 3 .  ? 6.292   -3.066  -12.394 1.000 22.444 0 254 HOH A O     1 ? 
HETATM 393 O  O     . HOH E 3 .  ? -4.117  12.517  -3.061  1.000 19.350 0 255 HOH A O     1 ? 
HETATM 394 O  O     . HOH E 3 .  ? 6.539   1.183   -16.833 1.000 17.880 0 256 HOH A O     1 ? 
HETATM 395 O  O     . HOH E 3 .  ? 2.659   10.317  3.167   1.000 30.670 0 257 HOH A O     1 ? 
HETATM 396 O  O     . HOH E 3 .  ? 4.635   0.455   -19.751 1.000 34.775 0 258 HOH A O     1 ? 
HETATM 397 O  O     . HOH E 3 .  ? -5.277  5.597   0.129   1.000 21.675 0 259 HOH A O     1 ? 
HETATM 398 O  O     . HOH E 3 .  ? 9.670   0.110   -2.369  1.000 35.724 0 260 HOH A O     1 ? 
HETATM 399 O  O     . HOH E 3 .  ? -11.737 -8.626  9.288   1.000 38.221 0 261 HOH A O     1 ? 
HETATM 400 O  O     . HOH E 3 .  ? -7.775  -7.053  12.145  1.000 19.725 0 262 HOH A O     1 ? 
HETATM 401 O  O     . HOH E 3 .  ? 12.184  -4.759  -4.776  1.000 26.781 0 263 HOH A O     1 ? 
HETATM 402 O  O     . HOH E 3 .  ? -5.761  -0.915  6.864   1.000 23.428 0 264 HOH A O     1 ? 
HETATM 403 O  O     . HOH E 3 .  ? 7.653   3.705   -3.707  1.000 28.087 0 265 HOH A O     1 ? 
HETATM 404 O  O     . HOH E 3 .  ? 2.759   13.288  -2.441  0.330 22.619 0 266 HOH A O     1 ? 
HETATM 405 O  O     . HOH E 3 .  ? 5.110   -5.521  -9.860  1.000 28.718 0 267 HOH A O     1 ? 
HETATM 406 O  O     . HOH E 3 .  ? -6.696  11.252  0.522   1.000 32.915 0 268 HOH A O     1 ? 
HETATM 407 O  O     . HOH E 3 .  ? 13.127  -7.746  -14.445 1.000 40.484 0 269 HOH A O     1 ? 
HETATM 408 O  O     . HOH E 3 .  ? -3.717  -11.702 17.160  0.330 19.324 0 270 HOH A O     1 ? 
HETATM 409 O  O     . HOH E 3 .  ? 11.472  7.727   0.255   1.000 29.212 0 271 HOH A O     1 ? 
HETATM 410 O  O     . HOH E 3 .  ? -0.480  2.196   -2.636  1.000 25.516 0 272 HOH A O     1 ? 
HETATM 411 O  O     . HOH E 3 .  ? -10.807 -0.738  -5.285  1.000 39.472 0 273 HOH A O     1 ? 
HETATM 412 O  O     . HOH E 3 .  ? 4.365   13.542  -5.583  0.330 27.700 0 274 HOH A O     1 ? 
HETATM 413 O  O     . HOH E 3 .  ? 6.210   -0.159  -14.027 1.000 35.985 0 275 HOH A O     1 ? 
HETATM 414 O  O     . HOH E 3 .  ? -5.733  2.621   1.730   1.000 23.938 0 276 HOH A O     1 ? 
HETATM 415 O  O     . HOH E 3 .  ? 1.046   -1.854  15.350  1.000 33.175 0 277 HOH A O     1 ? 
HETATM 416 O  O     . HOH E 3 .  ? -7.506  -2.942  8.424   1.000 21.548 0 278 HOH A O     1 ? 
HETATM 417 O  O     . HOH E 3 .  ? -7.790  -3.425  15.372  1.000 15.746 0 279 HOH A O     1 ? 
HETATM 418 O  O     . HOH E 3 .  ? 6.753   -1.683  -9.623  1.000 20.732 0 280 HOH A O     1 ? 
HETATM 419 O  O     . HOH E 3 .  ? -3.882  0.296   26.654  1.000 38.200 0 281 HOH A O     1 ? 
HETATM 420 O  O     . HOH E 3 .  ? -1.535  1.034   26.572  1.000 39.134 0 282 HOH A O     1 ? 
HETATM 421 O  O     . HOH E 3 .  ? 9.609   4.033   -0.286  1.000 38.242 0 283 HOH A O     1 ? 
HETATM 422 O  O     . HOH E 3 .  ? 5.349   1.385   -8.451  1.000 30.821 0 284 HOH A O     1 ? 
HETATM 423 O  O     . HOH E 3 .  ? -0.410  -6.821  21.882  1.000 33.878 0 285 HOH A O     1 ? 
HETATM 424 O  O     . HOH E 3 .  ? -8.492  -7.922  -1.036  1.000 36.603 0 286 HOH A O     1 ? 
HETATM 425 O  O     . HOH E 3 .  ? -0.478  -11.190 10.824  0.330 34.344 0 287 HOH A O     1 ? 
HETATM 426 O  O     . HOH E 3 .  ? 6.562   3.086   -19.085 1.000 42.558 0 288 HOH A O     1 ? 
HETATM 427 O  O     . HOH E 3 .  ? 3.458   12.287  -7.598  1.000 36.284 0 289 HOH A O     1 ? 
HETATM 428 O  O     . HOH E 3 .  ? 6.667   2.067   -21.659 0.500 29.375 0 290 HOH A O     1 ? 
HETATM 429 O  O     . HOH E 3 .  ? 0.646   5.255   -0.700  1.000 32.902 0 291 HOH A O     1 ? 
HETATM 430 O  O     . HOH E 3 .  ? -9.979  6.290   -6.846  1.000 46.802 0 292 HOH A O     1 ? 
HETATM 431 O  O     . HOH E 3 .  ? -9.239  -2.901  -5.848  1.000 41.273 0 293 HOH A O     1 ? 
HETATM 432 O  O     . HOH E 3 .  ? -7.700  -10.475 19.370  1.000 23.512 0 294 HOH A O     1 ? 
HETATM 433 O  O     . HOH E 3 .  ? 2.076   -6.179  -11.225 1.000 28.527 0 295 HOH A O     1 ? 
HETATM 434 O  O     . HOH E 3 .  ? -11.462 -8.829  12.728  1.000 41.549 0 296 HOH A O     1 ? 
HETATM 435 O  O     . HOH E 3 .  ? 13.234  -5.872  -16.930 1.000 36.515 0 297 HOH A O     1 ? 
HETATM 436 O  O     . HOH E 3 .  ? -9.139  9.298   -6.033  1.000 33.779 0 298 HOH A O     1 ? 
HETATM 437 O  O     . HOH E 3 .  ? -4.091  4.019   1.722   1.000 36.596 0 299 HOH A O     1 ? 
HETATM 438 O  O     . HOH E 3 .  ? -1.542  4.339   2.021   1.000 42.952 0 300 HOH A O     1 ? 
HETATM 439 O  O     . HOH E 3 .  ? 1.646   -3.715  22.000  1.000 30.895 0 301 HOH A O     1 ? 
HETATM 440 O  O     . HOH E 3 .  ? -6.688  12.328  -3.409  1.000 34.018 0 302 HOH A O     1 ? 
HETATM 441 O  O     . HOH E 3 .  ? 4.729   -5.412  -7.351  1.000 33.076 0 303 HOH A O     1 ? 
HETATM 442 O  O     . HOH E 3 .  ? 4.069   0.210   -5.122  1.000 45.777 0 304 HOH A O     1 ? 
HETATM 443 O  O     . HOH E 3 .  ? -4.255  5.318   3.342   1.000 36.361 0 305 HOH A O     1 ? 
HETATM 444 O  O     . HOH E 3 .  ? -9.863  -3.488  11.621  1.000 12.992 0 306 HOH A O     1 ? 
HETATM 445 O  O     . HOH E 3 .  ? 6.861   -0.540  -3.693  1.000 33.970 0 307 HOH A O     1 ? 
HETATM 446 O  O     . HOH E 3 .  ? -3.214  11.011  4.448   1.000 36.303 0 308 HOH A O     1 ? 
HETATM 447 O  O     . HOH E 3 .  ? 4.127   -0.885  -11.474 1.000 28.397 0 309 HOH A O     1 ? 
# 
